data_1JED
#
_entry.id   1JED
#
_cell.length_a   186.135
_cell.length_b   186.135
_cell.length_c   223.253
_cell.angle_alpha   90.00
_cell.angle_beta   90.00
_cell.angle_gamma   120.00
#
_symmetry.space_group_name_H-M   'H 3 2'
#
loop_
_entity.id
_entity.type
_entity.pdbx_description
1 polymer 'SULFATE ADENYLYLTRANSFERASE'
2 non-polymer 'CADMIUM ION'
3 non-polymer 'CALCIUM ION'
4 non-polymer 'SODIUM ION'
5 non-polymer 'MAGNESIUM ION'
6 non-polymer "ADENOSINE-5'-DIPHOSPHATE"
7 non-polymer 2-AMINO-2-HYDROXYMETHYL-PROPANE-1,3-DIOL
8 non-polymer 'ACETIC ACID'
9 water water
#
_entity_poly.entity_id   1
_entity_poly.type   'polypeptide(L)'
_entity_poly.pdbx_seq_one_letter_code
;PAPHGGILQDLIARDALKKNELLSEAQSSDILVWNLTPRQLCDIELILNGGFSPLTGFLNENDYSSVVTDSRLADGTLWT
IPITLDVDEAFANQIKPDTRIALFQDDEIPIAILTVQDVYKPNKTIEAEKVFRGDPEHPAISYLFNVAGDYYVGGSLEAI
QLPQHYDYPGLRKTPAQLRLEFQSRQWDRVVAFQTRNPMHRAHRELTVRAAREANAKVLIHPVVGLTKPGDIDHHTRVRV
YQEIIKRYPNGIAFLSLLPLAMRMSGDREAVWHAIIRKNYGASHFIVGRDHAGPGKNSKGVDFYGPYDAQELVESYKHEL
DIEVVPFRMVTYLPDEDRYAPIDQIDTTKTRTLNISGTELRRRLRVGGEIPEWFSYPEVVKILRESNPPRPKQGFSIVLG
NSLTVSREQLSIALLSTFLQFGGGRYYKIFEHNNKTELLSLIQDFIGSGSGLIIPNQWEDDKDSVVGKQNVYLLDTSSSA
DIQLESADEPISHIVQKVVLFLEDNGFFVF
;
_entity_poly.pdbx_strand_id   A,B
#
loop_
_chem_comp.id
_chem_comp.type
_chem_comp.name
_chem_comp.formula
ACY non-polymer 'ACETIC ACID' 'C2 H4 O2'
ADP non-polymer ADENOSINE-5'-DIPHOSPHATE 'C10 H15 N5 O10 P2'
CA non-polymer 'CALCIUM ION' 'Ca 2'
CD non-polymer 'CADMIUM ION' 'Cd 2'
MG non-polymer 'MAGNESIUM ION' 'Mg 2'
NA non-polymer 'SODIUM ION' 'Na 1'
TRS non-polymer 2-AMINO-2-HYDROXYMETHYL-PROPANE-1,3-DIOL 'C4 H12 N O3 1'
#
# COMPACT_ATOMS: atom_id res chain seq x y z
N PRO A 1 19.83 -42.47 22.07
CA PRO A 1 20.14 -43.35 23.21
C PRO A 1 19.10 -44.44 23.42
N ALA A 2 19.43 -45.41 24.27
CA ALA A 2 18.53 -46.51 24.57
C ALA A 2 17.34 -45.96 25.35
N PRO A 3 16.17 -46.62 25.25
CA PRO A 3 15.05 -46.08 26.02
C PRO A 3 15.31 -46.30 27.51
N HIS A 4 14.75 -45.43 28.33
CA HIS A 4 14.90 -45.52 29.77
C HIS A 4 14.59 -46.93 30.24
N GLY A 5 15.49 -47.53 31.00
CA GLY A 5 15.27 -48.89 31.44
C GLY A 5 15.89 -49.87 30.46
N GLY A 6 16.21 -49.37 29.26
CA GLY A 6 16.84 -50.19 28.26
C GLY A 6 15.94 -50.81 27.22
N ILE A 7 14.64 -50.90 27.52
CA ILE A 7 13.69 -51.51 26.60
C ILE A 7 12.52 -50.62 26.24
N LEU A 8 12.29 -50.39 24.94
CA LEU A 8 11.17 -49.57 24.56
C LEU A 8 9.93 -50.41 24.81
N GLN A 9 9.08 -49.95 25.72
CA GLN A 9 7.86 -50.66 26.05
C GLN A 9 6.67 -50.36 25.14
N ASP A 10 6.85 -50.53 23.84
CA ASP A 10 5.78 -50.32 22.88
C ASP A 10 4.87 -51.53 23.05
N LEU A 11 3.85 -51.38 23.90
CA LEU A 11 2.93 -52.47 24.15
C LEU A 11 1.97 -52.72 23.00
N ILE A 12 1.83 -51.74 22.10
CA ILE A 12 0.96 -51.93 20.94
C ILE A 12 1.61 -53.02 20.11
N ALA A 13 2.93 -52.91 19.96
CA ALA A 13 3.71 -53.87 19.19
C ALA A 13 3.76 -55.19 19.96
N ARG A 14 4.05 -55.12 21.24
CA ARG A 14 4.12 -56.32 22.06
C ARG A 14 2.84 -57.14 22.00
N ASP A 15 1.70 -56.49 22.21
CA ASP A 15 0.42 -57.18 22.25
C ASP A 15 -0.37 -57.27 20.93
N ALA A 16 0.31 -57.14 19.80
CA ALA A 16 -0.33 -57.20 18.48
C ALA A 16 -1.22 -58.43 18.22
N LEU A 17 -0.71 -59.63 18.51
CA LEU A 17 -1.48 -60.86 18.27
C LEU A 17 -2.49 -61.16 19.38
N LYS A 18 -2.64 -60.24 20.32
CA LYS A 18 -3.59 -60.39 21.40
C LYS A 18 -4.78 -59.48 21.16
N LYS A 19 -4.60 -58.51 20.26
CA LYS A 19 -5.63 -57.54 19.98
C LYS A 19 -7.07 -58.06 19.89
N ASN A 20 -7.33 -58.99 18.98
CA ASN A 20 -8.67 -59.56 18.81
C ASN A 20 -9.19 -60.21 20.08
N GLU A 21 -8.28 -60.82 20.84
CA GLU A 21 -8.62 -61.50 22.08
C GLU A 21 -8.92 -60.51 23.19
N LEU A 22 -8.06 -59.50 23.30
CA LEU A 22 -8.21 -58.47 24.31
C LEU A 22 -9.50 -57.72 24.00
N LEU A 23 -9.72 -57.47 22.72
CA LEU A 23 -10.92 -56.77 22.26
C LEU A 23 -12.19 -57.48 22.70
N SER A 24 -12.23 -58.79 22.46
CA SER A 24 -13.39 -59.55 22.86
C SER A 24 -13.61 -59.41 24.37
N GLU A 25 -12.53 -59.60 25.14
CA GLU A 25 -12.58 -59.50 26.59
C GLU A 25 -13.09 -58.11 27.02
N ALA A 26 -12.51 -57.08 26.42
CA ALA A 26 -12.88 -55.71 26.76
C ALA A 26 -14.36 -55.49 26.52
N GLN A 27 -14.91 -56.24 25.58
CA GLN A 27 -16.31 -56.10 25.23
C GLN A 27 -17.26 -57.17 25.76
N SER A 28 -16.82 -57.92 26.77
CA SER A 28 -17.65 -58.95 27.38
C SER A 28 -18.60 -58.28 28.37
N SER A 29 -19.77 -58.89 28.57
CA SER A 29 -20.77 -58.34 29.48
C SER A 29 -20.41 -58.56 30.95
N ASP A 30 -19.24 -59.09 31.23
CA ASP A 30 -18.89 -59.33 32.62
C ASP A 30 -17.69 -58.59 33.19
N ILE A 31 -16.85 -58.04 32.33
CA ILE A 31 -15.67 -57.33 32.78
C ILE A 31 -15.99 -55.95 33.36
N LEU A 32 -15.24 -55.57 34.39
CA LEU A 32 -15.40 -54.27 35.03
C LEU A 32 -14.88 -53.22 34.03
N VAL A 33 -15.57 -52.09 33.92
CA VAL A 33 -15.16 -51.07 32.97
C VAL A 33 -15.00 -49.67 33.54
N TRP A 34 -13.91 -49.02 33.14
CA TRP A 34 -13.63 -47.65 33.54
C TRP A 34 -13.33 -46.81 32.32
N ASN A 35 -14.08 -45.72 32.18
CA ASN A 35 -13.89 -44.81 31.07
C ASN A 35 -12.85 -43.78 31.50
N LEU A 36 -11.69 -43.85 30.86
CA LEU A 36 -10.58 -42.95 31.15
C LEU A 36 -10.94 -41.48 31.12
N THR A 37 -10.28 -40.71 31.99
CA THR A 37 -10.51 -39.28 32.03
C THR A 37 -9.52 -38.71 30.99
N PRO A 38 -9.61 -37.40 30.69
CA PRO A 38 -8.73 -36.74 29.73
C PRO A 38 -7.24 -36.94 30.03
N ARG A 39 -6.81 -36.64 31.25
CA ARG A 39 -5.41 -36.81 31.56
C ARG A 39 -4.99 -38.26 31.52
N GLN A 40 -5.92 -39.13 31.92
CA GLN A 40 -5.67 -40.57 31.91
C GLN A 40 -5.51 -41.08 30.49
N LEU A 41 -6.25 -40.48 29.55
CA LEU A 41 -6.12 -40.87 28.15
C LEU A 41 -4.76 -40.37 27.67
N CYS A 42 -4.28 -39.30 28.29
CA CYS A 42 -2.98 -38.75 27.92
C CYS A 42 -1.87 -39.65 28.40
N ASP A 43 -2.00 -40.10 29.65
CA ASP A 43 -1.00 -40.95 30.28
C ASP A 43 -0.95 -42.34 29.67
N ILE A 44 -2.11 -42.95 29.51
CA ILE A 44 -2.15 -44.30 28.97
C ILE A 44 -1.55 -44.37 27.55
N GLU A 45 -1.68 -43.30 26.77
CA GLU A 45 -1.11 -43.36 25.43
C GLU A 45 0.40 -43.32 25.47
N LEU A 46 0.94 -42.68 26.49
CA LEU A 46 2.40 -42.60 26.64
C LEU A 46 2.93 -43.89 27.27
N ILE A 47 2.06 -44.64 27.93
CA ILE A 47 2.49 -45.90 28.51
C ILE A 47 2.48 -46.96 27.42
N LEU A 48 1.35 -47.09 26.73
CA LEU A 48 1.20 -48.08 25.67
C LEU A 48 2.20 -47.98 24.50
N ASN A 49 2.74 -46.79 24.22
CA ASN A 49 3.68 -46.68 23.09
C ASN A 49 5.16 -46.62 23.48
N GLY A 50 5.47 -46.87 24.74
CA GLY A 50 6.86 -46.84 25.14
C GLY A 50 7.40 -45.47 25.51
N GLY A 51 6.53 -44.45 25.48
CA GLY A 51 6.95 -43.10 25.83
C GLY A 51 7.33 -42.99 27.31
N PHE A 52 6.65 -43.77 28.15
CA PHE A 52 6.91 -43.79 29.59
C PHE A 52 7.81 -44.98 29.99
N SER A 53 8.55 -45.53 29.03
CA SER A 53 9.45 -46.63 29.34
C SER A 53 10.27 -46.20 30.55
N PRO A 54 10.53 -47.11 31.50
CA PRO A 54 10.15 -48.53 31.54
C PRO A 54 8.73 -48.89 31.95
N LEU A 55 7.91 -47.92 32.36
CA LEU A 55 6.54 -48.21 32.77
C LEU A 55 5.74 -49.08 31.78
N THR A 56 4.84 -49.91 32.31
CA THR A 56 3.99 -50.80 31.50
C THR A 56 2.58 -50.91 32.08
N GLY A 57 2.21 -49.91 32.87
CA GLY A 57 0.91 -49.86 33.50
C GLY A 57 0.94 -48.69 34.45
N PHE A 58 -0.08 -48.55 35.29
CA PHE A 58 -0.10 -47.45 36.26
C PHE A 58 0.58 -47.89 37.55
N LEU A 59 1.31 -46.96 38.16
CA LEU A 59 2.04 -47.26 39.37
C LEU A 59 1.25 -47.85 40.54
N ASN A 60 1.83 -48.87 41.18
CA ASN A 60 1.21 -49.47 42.34
C ASN A 60 1.74 -48.65 43.55
N GLU A 61 1.22 -48.91 44.74
CA GLU A 61 1.64 -48.16 45.92
C GLU A 61 3.16 -48.14 46.15
N ASN A 62 3.80 -49.26 45.91
CA ASN A 62 5.24 -49.38 46.10
C ASN A 62 6.00 -48.43 45.18
N ASP A 63 5.73 -48.54 43.89
CA ASP A 63 6.37 -47.68 42.90
C ASP A 63 5.96 -46.21 43.11
N TYR A 64 4.66 -45.98 43.31
CA TYR A 64 4.14 -44.63 43.54
C TYR A 64 4.84 -43.91 44.69
N SER A 65 4.92 -44.62 45.80
CA SER A 65 5.54 -44.12 47.02
C SER A 65 7.01 -43.74 46.83
N SER A 66 7.73 -44.62 46.16
CA SER A 66 9.13 -44.40 45.90
C SER A 66 9.30 -43.16 45.03
N VAL A 67 8.45 -43.01 44.02
CA VAL A 67 8.52 -41.84 43.13
C VAL A 67 8.29 -40.54 43.92
N VAL A 68 7.37 -40.60 44.88
CA VAL A 68 7.05 -39.42 45.67
C VAL A 68 8.16 -39.02 46.61
N THR A 69 8.71 -39.99 47.34
CA THR A 69 9.77 -39.71 48.30
C THR A 69 11.19 -39.87 47.76
N ASP A 70 11.34 -40.61 46.66
CA ASP A 70 12.65 -40.89 46.05
C ASP A 70 12.90 -40.37 44.63
N SER A 71 11.86 -39.92 43.94
CA SER A 71 12.04 -39.49 42.55
C SER A 71 12.60 -40.67 41.77
N ARG A 72 12.30 -41.87 42.28
CA ARG A 72 12.74 -43.11 41.64
C ARG A 72 11.66 -44.18 41.79
N LEU A 73 11.67 -45.13 40.88
CA LEU A 73 10.75 -46.24 40.95
C LEU A 73 11.33 -47.10 42.04
N ALA A 74 10.56 -48.07 42.53
CA ALA A 74 11.02 -48.96 43.60
C ALA A 74 12.38 -49.62 43.30
N ASP A 75 12.59 -50.01 42.05
CA ASP A 75 13.84 -50.64 41.64
C ASP A 75 14.99 -49.65 41.49
N GLY A 76 14.72 -48.37 41.76
CA GLY A 76 15.76 -47.37 41.67
C GLY A 76 15.83 -46.59 40.37
N THR A 77 15.04 -46.98 39.38
CA THR A 77 15.05 -46.29 38.09
C THR A 77 14.65 -44.84 38.29
N LEU A 78 15.47 -43.89 37.81
CA LEU A 78 15.14 -42.48 37.96
C LEU A 78 13.78 -42.16 37.36
N TRP A 79 12.84 -41.67 38.16
CA TRP A 79 11.50 -41.33 37.69
C TRP A 79 10.85 -40.37 38.70
N THR A 80 10.64 -39.12 38.26
CA THR A 80 10.10 -38.05 39.12
C THR A 80 8.60 -37.76 39.19
N ILE A 81 7.85 -38.08 38.15
CA ILE A 81 6.42 -37.78 38.17
C ILE A 81 5.57 -39.03 38.29
N PRO A 82 4.71 -39.11 39.31
CA PRO A 82 3.88 -40.30 39.47
C PRO A 82 2.77 -40.41 38.43
N ILE A 83 2.67 -41.56 37.76
CA ILE A 83 1.62 -41.78 36.76
C ILE A 83 0.69 -42.84 37.32
N THR A 84 -0.49 -42.40 37.76
CA THR A 84 -1.48 -43.29 38.38
C THR A 84 -2.89 -43.21 37.79
N LEU A 85 -3.64 -44.29 38.00
CA LEU A 85 -5.02 -44.39 37.55
C LEU A 85 -5.90 -44.06 38.76
N ASP A 86 -6.38 -42.82 38.80
CA ASP A 86 -7.22 -42.35 39.90
C ASP A 86 -8.70 -42.57 39.68
N VAL A 87 -9.31 -43.33 40.57
CA VAL A 87 -10.73 -43.64 40.49
C VAL A 87 -11.44 -43.20 41.77
N ASP A 88 -12.77 -43.32 41.79
CA ASP A 88 -13.55 -42.93 42.97
C ASP A 88 -13.79 -44.12 43.92
N GLU A 89 -14.26 -43.81 45.12
CA GLU A 89 -14.52 -44.85 46.09
C GLU A 89 -15.47 -45.91 45.54
N ALA A 90 -16.51 -45.47 44.85
CA ALA A 90 -17.48 -46.38 44.27
C ALA A 90 -16.78 -47.43 43.42
N PHE A 91 -16.12 -46.98 42.35
CA PHE A 91 -15.43 -47.93 41.49
C PHE A 91 -14.41 -48.76 42.26
N ALA A 92 -13.60 -48.07 43.05
CA ALA A 92 -12.55 -48.71 43.84
C ALA A 92 -13.06 -49.93 44.61
N ASN A 93 -14.22 -49.78 45.24
CA ASN A 93 -14.83 -50.83 46.04
C ASN A 93 -15.18 -52.10 45.30
N GLN A 94 -15.13 -52.05 43.98
CA GLN A 94 -15.46 -53.24 43.20
C GLN A 94 -14.20 -53.92 42.71
N ILE A 95 -13.06 -53.28 42.97
CA ILE A 95 -11.78 -53.80 42.54
C ILE A 95 -11.11 -54.69 43.57
N LYS A 96 -10.50 -55.78 43.09
CA LYS A 96 -9.76 -56.72 43.93
C LYS A 96 -8.52 -57.07 43.14
N PRO A 97 -7.38 -57.31 43.81
CA PRO A 97 -6.23 -57.66 42.96
C PRO A 97 -6.55 -58.89 42.13
N ASP A 98 -5.85 -59.02 41.00
CA ASP A 98 -6.05 -60.12 40.06
C ASP A 98 -7.21 -59.77 39.13
N THR A 99 -8.03 -58.81 39.54
CA THR A 99 -9.15 -58.37 38.74
C THR A 99 -8.61 -57.77 37.43
N ARG A 100 -9.42 -57.83 36.37
CA ARG A 100 -9.06 -57.26 35.07
C ARG A 100 -10.10 -56.21 34.71
N ILE A 101 -9.64 -54.99 34.45
CA ILE A 101 -10.55 -53.92 34.10
C ILE A 101 -10.35 -53.50 32.65
N ALA A 102 -11.45 -53.24 31.95
CA ALA A 102 -11.38 -52.79 30.58
C ALA A 102 -11.42 -51.27 30.63
N LEU A 103 -10.38 -50.64 30.12
CA LEU A 103 -10.31 -49.19 30.12
C LEU A 103 -10.75 -48.66 28.77
N PHE A 104 -11.86 -47.93 28.79
CA PHE A 104 -12.44 -47.36 27.58
C PHE A 104 -12.20 -45.88 27.44
N GLN A 105 -12.46 -45.38 26.24
CA GLN A 105 -12.31 -43.97 25.92
C GLN A 105 -13.66 -43.54 25.34
N ASP A 106 -14.27 -42.51 25.93
CA ASP A 106 -15.56 -42.02 25.45
C ASP A 106 -16.63 -43.10 25.59
N ASP A 107 -16.40 -44.02 26.51
CA ASP A 107 -17.33 -45.12 26.77
C ASP A 107 -17.62 -45.92 25.52
N GLU A 108 -16.75 -45.83 24.53
CA GLU A 108 -17.02 -46.53 23.30
C GLU A 108 -15.84 -47.28 22.72
N ILE A 109 -14.64 -46.70 22.82
CA ILE A 109 -13.45 -47.32 22.27
C ILE A 109 -12.64 -48.05 23.33
N PRO A 110 -12.45 -49.36 23.16
CA PRO A 110 -11.68 -50.13 24.14
C PRO A 110 -10.19 -49.88 23.98
N ILE A 111 -9.57 -49.28 25.00
CA ILE A 111 -8.14 -48.95 24.95
C ILE A 111 -7.19 -50.05 25.43
N ALA A 112 -7.41 -50.56 26.63
CA ALA A 112 -6.54 -51.61 27.16
C ALA A 112 -7.20 -52.38 28.29
N ILE A 113 -6.53 -53.46 28.72
CA ILE A 113 -7.04 -54.24 29.83
C ILE A 113 -6.01 -54.10 30.95
N LEU A 114 -6.47 -53.55 32.07
CA LEU A 114 -5.63 -53.36 33.24
C LEU A 114 -5.75 -54.57 34.17
N THR A 115 -4.61 -55.12 34.59
CA THR A 115 -4.63 -56.23 35.53
C THR A 115 -4.21 -55.65 36.87
N VAL A 116 -5.21 -55.48 37.72
CA VAL A 116 -5.05 -54.90 39.05
C VAL A 116 -4.05 -55.58 39.95
N GLN A 117 -3.17 -54.78 40.53
CA GLN A 117 -2.17 -55.27 41.46
C GLN A 117 -2.56 -54.78 42.86
N ASP A 118 -3.10 -53.57 42.94
CA ASP A 118 -3.52 -53.04 44.22
C ASP A 118 -4.46 -51.85 44.07
N VAL A 119 -5.09 -51.48 45.18
CA VAL A 119 -6.00 -50.34 45.21
C VAL A 119 -5.70 -49.59 46.49
N TYR A 120 -5.05 -48.44 46.38
CA TYR A 120 -4.71 -47.67 47.57
C TYR A 120 -5.28 -46.25 47.54
N LYS A 121 -5.37 -45.64 48.72
CA LYS A 121 -5.88 -44.29 48.85
C LYS A 121 -4.74 -43.36 49.24
N PRO A 122 -4.07 -42.77 48.24
CA PRO A 122 -2.94 -41.86 48.49
C PRO A 122 -3.20 -40.68 49.42
N ASN A 123 -2.14 -40.18 50.04
CA ASN A 123 -2.24 -39.01 50.91
C ASN A 123 -1.93 -37.85 49.97
N LYS A 124 -2.98 -37.24 49.44
CA LYS A 124 -2.82 -36.15 48.51
C LYS A 124 -1.96 -35.02 49.04
N THR A 125 -1.96 -34.82 50.35
CA THR A 125 -1.14 -33.76 50.92
C THR A 125 0.36 -34.01 50.71
N ILE A 126 0.79 -35.25 50.95
CA ILE A 126 2.19 -35.59 50.77
C ILE A 126 2.60 -35.42 49.29
N GLU A 127 1.80 -35.99 48.40
CA GLU A 127 2.07 -35.90 46.98
C GLU A 127 2.14 -34.42 46.60
N ALA A 128 1.22 -33.63 47.14
CA ALA A 128 1.20 -32.21 46.84
C ALA A 128 2.50 -31.55 47.28
N GLU A 129 2.86 -31.76 48.54
CA GLU A 129 4.07 -31.17 49.09
C GLU A 129 5.35 -31.70 48.46
N LYS A 130 5.55 -33.02 48.52
CA LYS A 130 6.76 -33.67 47.99
C LYS A 130 7.02 -33.62 46.48
N VAL A 131 5.99 -33.83 45.69
CA VAL A 131 6.15 -33.83 44.24
C VAL A 131 5.92 -32.47 43.56
N PHE A 132 4.91 -31.72 44.02
CA PHE A 132 4.60 -30.44 43.41
C PHE A 132 4.93 -29.18 44.23
N ARG A 133 5.59 -29.38 45.36
CA ARG A 133 6.01 -28.30 46.25
C ARG A 133 4.92 -27.65 47.12
N GLY A 134 3.79 -28.32 47.28
CA GLY A 134 2.73 -27.82 48.14
C GLY A 134 1.94 -26.51 47.96
N ASP A 135 2.29 -25.63 47.03
CA ASP A 135 1.51 -24.41 46.89
C ASP A 135 0.15 -24.78 46.28
N PRO A 136 -0.94 -24.53 47.02
CA PRO A 136 -2.30 -24.83 46.55
C PRO A 136 -2.70 -24.28 45.20
N GLU A 137 -2.06 -23.20 44.76
CA GLU A 137 -2.36 -22.61 43.45
C GLU A 137 -1.68 -23.36 42.32
N HIS A 138 -0.70 -24.19 42.68
CA HIS A 138 0.04 -24.98 41.71
C HIS A 138 -0.96 -25.82 40.87
N PRO A 139 -0.86 -25.74 39.53
CA PRO A 139 -1.73 -26.49 38.62
C PRO A 139 -1.90 -27.97 38.96
N ALA A 140 -0.79 -28.64 39.30
CA ALA A 140 -0.85 -30.06 39.61
C ALA A 140 -1.55 -30.35 40.93
N ILE A 141 -1.38 -29.44 41.88
CA ILE A 141 -1.99 -29.61 43.18
C ILE A 141 -3.50 -29.38 43.12
N SER A 142 -3.91 -28.34 42.40
CA SER A 142 -5.33 -28.05 42.23
C SER A 142 -6.01 -29.22 41.55
N TYR A 143 -5.39 -29.76 40.50
CA TYR A 143 -5.95 -30.91 39.80
C TYR A 143 -6.02 -32.07 40.79
N LEU A 144 -4.91 -32.30 41.48
CA LEU A 144 -4.83 -33.38 42.46
C LEU A 144 -6.00 -33.40 43.42
N PHE A 145 -6.36 -32.26 44.00
CA PHE A 145 -7.46 -32.21 44.94
C PHE A 145 -8.84 -31.96 44.36
N ASN A 146 -8.89 -31.27 43.23
CA ASN A 146 -10.17 -30.93 42.62
C ASN A 146 -10.67 -31.80 41.48
N VAL A 147 -9.78 -32.55 40.83
CA VAL A 147 -10.18 -33.39 39.72
C VAL A 147 -9.83 -34.86 39.92
N ALA A 148 -8.61 -35.12 40.41
CA ALA A 148 -8.15 -36.49 40.61
C ALA A 148 -9.03 -37.30 41.58
N GLY A 149 -9.19 -38.59 41.28
CA GLY A 149 -9.96 -39.49 42.12
C GLY A 149 -9.18 -39.68 43.41
N ASP A 150 -9.85 -40.15 44.47
CA ASP A 150 -9.15 -40.32 45.74
C ASP A 150 -8.51 -41.68 45.92
N TYR A 151 -8.77 -42.59 44.98
CA TYR A 151 -8.21 -43.94 45.02
C TYR A 151 -7.43 -44.25 43.76
N TYR A 152 -6.21 -44.73 43.93
CA TYR A 152 -5.33 -45.08 42.82
C TYR A 152 -5.38 -46.60 42.60
N VAL A 153 -5.43 -47.01 41.35
CA VAL A 153 -5.46 -48.43 41.04
C VAL A 153 -4.19 -48.79 40.26
N GLY A 154 -3.26 -49.47 40.92
CA GLY A 154 -2.04 -49.88 40.26
C GLY A 154 -2.23 -51.18 39.51
N GLY A 155 -1.44 -51.40 38.45
CA GLY A 155 -1.56 -52.62 37.70
C GLY A 155 -0.91 -52.58 36.33
N SER A 156 -0.67 -53.76 35.77
CA SER A 156 -0.04 -53.88 34.46
C SER A 156 -1.06 -53.71 33.32
N LEU A 157 -0.58 -53.25 32.17
CA LEU A 157 -1.46 -53.00 31.03
C LEU A 157 -1.23 -53.94 29.84
N GLU A 158 -2.29 -54.13 29.05
CA GLU A 158 -2.25 -54.92 27.84
C GLU A 158 -2.96 -54.06 26.83
N ALA A 159 -2.22 -53.68 25.80
CA ALA A 159 -2.69 -52.80 24.75
C ALA A 159 -3.65 -53.35 23.73
N ILE A 160 -4.67 -52.55 23.40
CA ILE A 160 -5.63 -52.92 22.36
C ILE A 160 -5.38 -51.91 21.23
N GLN A 161 -5.34 -50.63 21.59
CA GLN A 161 -5.09 -49.57 20.63
C GLN A 161 -4.82 -48.27 21.39
N LEU A 162 -4.13 -47.34 20.74
CA LEU A 162 -3.83 -46.05 21.37
C LEU A 162 -5.09 -45.20 21.29
N PRO A 163 -5.22 -44.20 22.17
CA PRO A 163 -6.42 -43.35 22.12
C PRO A 163 -6.64 -42.79 20.72
N GLN A 164 -7.90 -42.69 20.34
CA GLN A 164 -8.29 -42.21 19.02
C GLN A 164 -8.14 -40.69 18.90
N HIS A 165 -7.67 -40.24 17.73
CA HIS A 165 -7.47 -38.80 17.44
C HIS A 165 -7.80 -38.54 15.99
N TYR A 166 -8.69 -37.59 15.71
CA TYR A 166 -9.06 -37.32 14.34
C TYR A 166 -8.40 -36.07 13.77
N ASP A 167 -7.63 -35.37 14.60
CA ASP A 167 -6.93 -34.17 14.18
C ASP A 167 -5.43 -34.43 14.15
N TYR A 168 -4.73 -33.83 13.19
CA TYR A 168 -3.29 -33.99 13.04
C TYR A 168 -2.86 -35.47 13.05
N PRO A 169 -3.63 -36.32 12.33
CA PRO A 169 -3.47 -37.77 12.17
C PRO A 169 -2.08 -38.35 11.96
N GLY A 170 -1.25 -37.70 11.16
CA GLY A 170 0.06 -38.27 10.95
C GLY A 170 1.16 -37.63 11.76
N LEU A 171 0.84 -36.54 12.45
CA LEU A 171 1.84 -35.82 13.20
C LEU A 171 2.15 -36.33 14.60
N ARG A 172 1.29 -37.16 15.15
CA ARG A 172 1.52 -37.67 16.50
C ARG A 172 2.43 -38.90 16.51
N LYS A 173 3.67 -38.76 16.05
CA LYS A 173 4.58 -39.90 15.99
C LYS A 173 4.82 -40.62 17.32
N THR A 174 4.91 -41.94 17.26
CA THR A 174 5.15 -42.74 18.47
C THR A 174 6.65 -42.88 18.59
N PRO A 175 7.15 -43.27 19.78
CA PRO A 175 8.60 -43.41 19.91
C PRO A 175 9.22 -44.22 18.77
N ALA A 176 8.64 -45.37 18.48
CA ALA A 176 9.17 -46.22 17.43
C ALA A 176 9.12 -45.49 16.09
N GLN A 177 7.95 -44.92 15.75
CA GLN A 177 7.83 -44.19 14.50
C GLN A 177 8.86 -43.06 14.36
N LEU A 178 8.94 -42.21 15.37
CA LEU A 178 9.89 -41.10 15.32
C LEU A 178 11.30 -41.66 15.11
N ARG A 179 11.64 -42.66 15.93
CA ARG A 179 12.95 -43.28 15.80
C ARG A 179 13.20 -43.71 14.35
N LEU A 180 12.16 -44.21 13.69
CA LEU A 180 12.23 -44.64 12.30
C LEU A 180 12.40 -43.46 11.36
N GLU A 181 11.78 -42.34 11.73
CA GLU A 181 11.86 -41.14 10.94
C GLU A 181 13.28 -40.62 10.93
N PHE A 182 13.85 -40.45 12.12
CA PHE A 182 15.22 -39.94 12.26
C PHE A 182 16.18 -40.84 11.48
N GLN A 183 15.92 -42.14 11.57
CA GLN A 183 16.74 -43.14 10.93
C GLN A 183 16.72 -43.07 9.41
N SER A 184 15.53 -43.04 8.82
CA SER A 184 15.42 -42.97 7.37
C SER A 184 16.15 -41.76 6.82
N ARG A 185 16.39 -40.78 7.69
CA ARG A 185 17.09 -39.57 7.29
C ARG A 185 18.53 -39.62 7.75
N GLN A 186 18.89 -40.66 8.50
CA GLN A 186 20.25 -40.80 8.98
C GLN A 186 20.62 -39.75 10.02
N TRP A 187 19.65 -39.38 10.81
CA TRP A 187 19.87 -38.42 11.86
C TRP A 187 20.33 -39.17 13.10
N ASP A 188 21.61 -39.03 13.44
CA ASP A 188 22.14 -39.71 14.62
C ASP A 188 22.37 -38.77 15.79
N ARG A 189 21.90 -37.52 15.63
CA ARG A 189 22.01 -36.50 16.67
C ARG A 189 20.80 -35.58 16.50
N VAL A 190 19.91 -35.61 17.47
CA VAL A 190 18.70 -34.81 17.43
C VAL A 190 18.46 -34.11 18.76
N VAL A 191 18.33 -32.79 18.70
CA VAL A 191 18.07 -32.04 19.92
C VAL A 191 16.57 -31.70 19.94
N ALA A 192 15.89 -32.17 20.99
CA ALA A 192 14.46 -31.95 21.15
C ALA A 192 14.13 -30.69 21.96
N PHE A 193 13.11 -29.97 21.48
CA PHE A 193 12.63 -28.75 22.12
C PHE A 193 11.18 -28.95 22.57
N GLN A 194 10.97 -28.88 23.87
CA GLN A 194 9.65 -29.03 24.49
C GLN A 194 8.98 -27.67 24.47
N THR A 195 7.65 -27.65 24.38
CA THR A 195 6.94 -26.39 24.38
C THR A 195 5.42 -26.56 24.52
N ARG A 196 4.80 -25.59 25.19
CA ARG A 196 3.35 -25.59 25.43
C ARG A 196 2.75 -24.23 25.09
N ASN A 197 3.57 -23.34 24.54
CA ASN A 197 3.14 -22.00 24.13
C ASN A 197 3.50 -21.81 22.67
N PRO A 198 3.11 -20.69 22.08
CA PRO A 198 3.49 -20.50 20.67
C PRO A 198 4.97 -20.15 20.62
N MET A 199 5.61 -20.39 19.50
CA MET A 199 7.02 -20.09 19.37
C MET A 199 7.22 -18.76 18.67
N HIS A 200 8.09 -17.94 19.24
CA HIS A 200 8.39 -16.64 18.67
C HIS A 200 9.87 -16.62 18.26
N ARG A 201 10.33 -15.47 17.79
CA ARG A 201 11.72 -15.28 17.38
C ARG A 201 12.77 -15.88 18.35
N ALA A 202 12.63 -15.56 19.64
CA ALA A 202 13.54 -16.05 20.66
C ALA A 202 13.67 -17.56 20.60
N HIS A 203 12.54 -18.24 20.47
CA HIS A 203 12.53 -19.69 20.43
C HIS A 203 13.26 -20.23 19.20
N ARG A 204 12.93 -19.70 18.03
CA ARG A 204 13.56 -20.10 16.78
C ARG A 204 15.06 -19.92 16.94
N GLU A 205 15.47 -18.77 17.44
CA GLU A 205 16.89 -18.51 17.63
C GLU A 205 17.53 -19.44 18.66
N LEU A 206 16.83 -19.70 19.74
CA LEU A 206 17.40 -20.56 20.75
C LEU A 206 17.51 -22.01 20.29
N THR A 207 16.50 -22.49 19.56
CA THR A 207 16.55 -23.87 19.07
C THR A 207 17.63 -24.05 18.01
N VAL A 208 17.91 -22.99 17.26
CA VAL A 208 18.94 -23.04 16.23
C VAL A 208 20.33 -22.99 16.84
N ARG A 209 20.49 -22.23 17.93
CA ARG A 209 21.77 -22.19 18.60
C ARG A 209 22.01 -23.59 19.13
N ALA A 210 20.97 -24.21 19.68
CA ALA A 210 21.07 -25.56 20.21
C ALA A 210 21.56 -26.51 19.14
N ALA A 211 20.90 -26.44 17.99
CA ALA A 211 21.22 -27.29 16.86
C ALA A 211 22.69 -27.11 16.44
N ARG A 212 23.15 -25.87 16.51
CA ARG A 212 24.51 -25.53 16.14
C ARG A 212 25.50 -25.98 17.23
N GLU A 213 25.19 -25.67 18.48
CA GLU A 213 26.04 -26.06 19.58
C GLU A 213 26.17 -27.58 19.65
N ALA A 214 25.04 -28.27 19.59
CA ALA A 214 25.00 -29.72 19.69
C ALA A 214 25.37 -30.46 18.42
N ASN A 215 25.41 -29.74 17.30
CA ASN A 215 25.73 -30.40 16.04
C ASN A 215 24.68 -31.45 15.80
N ALA A 216 23.42 -31.09 15.99
CA ALA A 216 22.34 -32.04 15.83
C ALA A 216 21.15 -31.43 15.13
N LYS A 217 20.32 -32.29 14.55
CA LYS A 217 19.12 -31.83 13.88
C LYS A 217 18.06 -31.40 14.92
N VAL A 218 17.07 -30.63 14.49
CA VAL A 218 16.05 -30.11 15.39
C VAL A 218 14.68 -30.83 15.39
N LEU A 219 14.24 -31.23 16.58
CA LEU A 219 12.93 -31.86 16.75
C LEU A 219 12.04 -30.93 17.55
N ILE A 220 11.05 -30.32 16.91
CA ILE A 220 10.10 -29.45 17.62
C ILE A 220 9.05 -30.44 18.14
N HIS A 221 9.13 -30.75 19.43
CA HIS A 221 8.24 -31.73 20.05
C HIS A 221 7.25 -31.06 21.02
N PRO A 222 6.23 -30.37 20.49
CA PRO A 222 5.25 -29.68 21.31
C PRO A 222 4.26 -30.60 22.00
N VAL A 223 3.79 -30.14 23.15
CA VAL A 223 2.81 -30.90 23.93
C VAL A 223 1.37 -30.56 23.48
N VAL A 224 0.63 -31.59 23.06
CA VAL A 224 -0.74 -31.35 22.62
C VAL A 224 -1.73 -32.07 23.50
N GLY A 225 -1.26 -32.67 24.59
CA GLY A 225 -2.12 -33.38 25.51
C GLY A 225 -2.88 -32.42 26.42
N LEU A 226 -2.32 -32.17 27.59
CA LEU A 226 -2.90 -31.25 28.57
C LEU A 226 -1.76 -30.41 29.08
N THR A 227 -1.97 -29.11 29.19
CA THR A 227 -0.91 -28.25 29.69
C THR A 227 -1.36 -27.49 30.94
N LYS A 228 -1.37 -26.17 30.86
CA LYS A 228 -1.76 -25.35 31.99
C LYS A 228 -3.10 -24.71 31.67
N PRO A 229 -4.03 -24.68 32.64
CA PRO A 229 -5.31 -24.05 32.31
C PRO A 229 -5.07 -22.60 31.90
N GLY A 230 -5.60 -22.23 30.74
CA GLY A 230 -5.41 -20.86 30.28
C GLY A 230 -4.42 -20.77 29.13
N ASP A 231 -3.76 -21.89 28.81
CA ASP A 231 -2.80 -21.88 27.73
C ASP A 231 -3.56 -21.70 26.43
N ILE A 232 -2.83 -21.40 25.36
CA ILE A 232 -3.40 -21.26 24.03
C ILE A 232 -3.76 -22.69 23.64
N ASP A 233 -4.93 -22.89 23.01
CA ASP A 233 -5.32 -24.25 22.63
C ASP A 233 -4.28 -24.84 21.71
N HIS A 234 -4.17 -26.17 21.69
CA HIS A 234 -3.15 -26.80 20.87
C HIS A 234 -3.37 -26.67 19.37
N HIS A 235 -4.62 -26.52 18.93
CA HIS A 235 -4.88 -26.38 17.50
C HIS A 235 -4.19 -25.11 17.00
N THR A 236 -4.46 -24.01 17.68
CA THR A 236 -3.85 -22.74 17.33
C THR A 236 -2.32 -22.86 17.38
N ARG A 237 -1.83 -23.61 18.36
CA ARG A 237 -0.41 -23.80 18.52
C ARG A 237 0.18 -24.66 17.41
N VAL A 238 -0.50 -25.75 17.03
CA VAL A 238 0.02 -26.58 15.95
C VAL A 238 0.20 -25.70 14.70
N ARG A 239 -0.78 -24.84 14.44
CA ARG A 239 -0.72 -23.94 13.30
C ARG A 239 0.50 -23.05 13.45
N VAL A 240 0.67 -22.50 14.64
CA VAL A 240 1.81 -21.63 14.89
C VAL A 240 3.10 -22.41 14.63
N TYR A 241 3.12 -23.66 15.07
CA TYR A 241 4.30 -24.49 14.92
C TYR A 241 4.58 -24.82 13.47
N GLN A 242 3.55 -25.24 12.73
CA GLN A 242 3.75 -25.60 11.34
C GLN A 242 4.23 -24.40 10.51
N GLU A 243 3.82 -23.21 10.92
CA GLU A 243 4.20 -22.01 10.23
C GLU A 243 5.65 -21.66 10.57
N ILE A 244 5.97 -21.56 11.85
CA ILE A 244 7.32 -21.22 12.25
C ILE A 244 8.39 -22.20 11.75
N ILE A 245 8.02 -23.47 11.57
CA ILE A 245 8.98 -24.46 11.11
C ILE A 245 9.52 -24.12 9.74
N LYS A 246 8.77 -23.33 9.01
CA LYS A 246 9.18 -22.92 7.67
C LYS A 246 10.26 -21.85 7.73
N ARG A 247 10.59 -21.40 8.94
CA ARG A 247 11.60 -20.36 9.08
C ARG A 247 12.97 -20.94 9.34
N TYR A 248 13.03 -22.26 9.51
CA TYR A 248 14.29 -22.93 9.74
C TYR A 248 14.88 -23.31 8.39
N PRO A 249 16.20 -23.50 8.31
CA PRO A 249 16.75 -23.87 7.01
C PRO A 249 16.22 -25.22 6.56
N ASN A 250 16.01 -25.38 5.26
CA ASN A 250 15.50 -26.63 4.69
C ASN A 250 16.21 -27.87 5.18
N GLY A 251 15.43 -28.81 5.72
CA GLY A 251 15.99 -30.07 6.18
C GLY A 251 16.62 -30.15 7.56
N ILE A 252 16.51 -29.09 8.36
CA ILE A 252 17.13 -29.12 9.67
C ILE A 252 16.20 -29.51 10.84
N ALA A 253 14.90 -29.30 10.69
CA ALA A 253 13.94 -29.59 11.76
C ALA A 253 12.78 -30.54 11.41
N PHE A 254 12.28 -31.23 12.44
CA PHE A 254 11.16 -32.15 12.28
C PHE A 254 10.12 -31.80 13.34
N LEU A 255 8.85 -31.86 12.96
CA LEU A 255 7.77 -31.56 13.89
C LEU A 255 7.00 -32.84 14.19
N SER A 256 6.82 -33.11 15.48
CA SER A 256 6.08 -34.28 15.93
C SER A 256 5.35 -33.86 17.21
N LEU A 257 4.04 -34.12 17.24
CA LEU A 257 3.22 -33.75 18.38
C LEU A 257 3.28 -34.82 19.48
N LEU A 258 3.45 -34.37 20.72
CA LEU A 258 3.51 -35.28 21.85
C LEU A 258 2.23 -35.13 22.68
N PRO A 259 1.43 -36.21 22.72
CA PRO A 259 0.17 -36.22 23.46
C PRO A 259 0.37 -36.41 24.97
N LEU A 260 1.35 -35.69 25.51
CA LEU A 260 1.65 -35.75 26.93
C LEU A 260 0.75 -34.83 27.76
N ALA A 261 0.44 -35.24 28.98
CA ALA A 261 -0.37 -34.42 29.90
C ALA A 261 0.63 -33.82 30.90
N MET A 262 0.96 -32.56 30.69
CA MET A 262 1.91 -31.90 31.56
C MET A 262 1.43 -31.80 33.00
N ARG A 263 2.36 -31.52 33.90
CA ARG A 263 2.02 -31.39 35.31
C ARG A 263 2.47 -30.02 35.79
N MET A 264 3.20 -29.31 34.92
CA MET A 264 3.72 -27.99 35.26
C MET A 264 4.52 -28.15 36.53
N SER A 265 5.23 -29.26 36.64
CA SER A 265 6.03 -29.56 37.81
C SER A 265 7.50 -29.15 37.69
N GLY A 266 7.71 -27.94 37.18
CA GLY A 266 9.05 -27.39 37.02
C GLY A 266 10.22 -28.34 36.90
N ASP A 267 11.11 -28.35 37.89
CA ASP A 267 12.29 -29.20 37.85
C ASP A 267 12.04 -30.70 37.74
N ARG A 268 11.14 -31.25 38.55
CA ARG A 268 10.86 -32.68 38.46
C ARG A 268 10.37 -33.02 37.06
N GLU A 269 9.54 -32.13 36.51
CA GLU A 269 8.97 -32.32 35.18
C GLU A 269 10.04 -32.30 34.09
N ALA A 270 11.04 -31.44 34.27
CA ALA A 270 12.13 -31.37 33.30
C ALA A 270 12.82 -32.74 33.24
N VAL A 271 13.17 -33.30 34.40
CA VAL A 271 13.83 -34.60 34.44
C VAL A 271 12.99 -35.62 33.69
N TRP A 272 11.68 -35.56 33.92
CA TRP A 272 10.73 -36.44 33.30
C TRP A 272 10.71 -36.23 31.78
N HIS A 273 10.69 -34.96 31.35
CA HIS A 273 10.67 -34.63 29.93
C HIS A 273 11.88 -35.23 29.23
N ALA A 274 13.04 -35.13 29.87
CA ALA A 274 14.28 -35.65 29.29
C ALA A 274 14.18 -37.15 29.10
N ILE A 275 13.60 -37.84 30.10
CA ILE A 275 13.43 -39.30 30.03
C ILE A 275 12.49 -39.63 28.86
N ILE A 276 11.40 -38.88 28.76
CA ILE A 276 10.43 -39.09 27.69
C ILE A 276 11.06 -38.86 26.33
N ARG A 277 11.77 -37.75 26.17
CA ARG A 277 12.38 -37.44 24.91
C ARG A 277 13.40 -38.50 24.52
N LYS A 278 14.13 -39.02 25.49
CA LYS A 278 15.13 -40.05 25.22
C LYS A 278 14.38 -41.26 24.65
N ASN A 279 13.27 -41.63 25.27
CA ASN A 279 12.48 -42.75 24.78
C ASN A 279 12.06 -42.53 23.35
N TYR A 280 11.74 -41.28 23.02
CA TYR A 280 11.31 -40.93 21.67
C TYR A 280 12.42 -40.89 20.66
N GLY A 281 13.66 -41.11 21.10
CA GLY A 281 14.78 -41.11 20.17
C GLY A 281 15.70 -39.91 20.11
N ALA A 282 15.54 -38.96 21.01
CA ALA A 282 16.38 -37.77 20.99
C ALA A 282 17.74 -38.03 21.64
N SER A 283 18.77 -37.33 21.18
CA SER A 283 20.12 -37.47 21.73
C SER A 283 20.45 -36.28 22.65
N HIS A 284 19.75 -35.17 22.45
CA HIS A 284 19.90 -33.95 23.23
C HIS A 284 18.53 -33.37 23.58
N PHE A 285 18.46 -32.68 24.72
CA PHE A 285 17.21 -32.09 25.15
C PHE A 285 17.44 -30.68 25.73
N ILE A 286 16.69 -29.72 25.22
CA ILE A 286 16.80 -28.34 25.65
C ILE A 286 16.09 -28.09 26.96
N VAL A 287 16.73 -27.32 27.83
CA VAL A 287 16.12 -26.96 29.11
C VAL A 287 16.46 -25.49 29.31
N GLY A 288 15.48 -24.63 29.04
CA GLY A 288 15.69 -23.21 29.18
C GLY A 288 15.17 -22.66 30.49
N ARG A 289 14.99 -21.36 30.54
CA ARG A 289 14.52 -20.66 31.74
C ARG A 289 13.15 -21.11 32.21
N ASP A 290 13.04 -21.35 33.51
CA ASP A 290 11.81 -21.82 34.14
C ASP A 290 11.10 -22.93 33.34
N HIS A 291 11.86 -23.96 32.99
CA HIS A 291 11.32 -25.07 32.24
C HIS A 291 10.18 -25.71 32.99
N ALA A 292 9.07 -25.90 32.28
CA ALA A 292 7.84 -26.51 32.81
C ALA A 292 7.24 -25.85 34.05
N GLY A 293 7.62 -24.60 34.33
CA GLY A 293 7.11 -23.89 35.49
C GLY A 293 5.77 -23.17 35.26
N PRO A 294 4.93 -23.07 36.30
CA PRO A 294 3.64 -22.38 36.12
C PRO A 294 3.69 -20.88 36.51
N GLY A 295 4.89 -20.32 36.49
CA GLY A 295 5.03 -18.92 36.83
C GLY A 295 4.95 -18.63 38.30
N LYS A 296 4.27 -17.56 38.67
CA LYS A 296 4.13 -17.16 40.07
C LYS A 296 2.70 -17.34 40.53
N ASN A 297 2.53 -17.47 41.85
CA ASN A 297 1.19 -17.61 42.44
C ASN A 297 0.63 -16.20 42.55
N SER A 298 -0.66 -16.09 42.84
CA SER A 298 -1.28 -14.76 42.96
C SER A 298 -0.49 -13.80 43.82
N LYS A 299 0.25 -14.32 44.81
CA LYS A 299 1.07 -13.45 45.68
C LYS A 299 2.33 -12.93 45.00
N GLY A 300 2.57 -13.37 43.76
CA GLY A 300 3.76 -12.91 43.03
C GLY A 300 5.05 -13.66 43.29
N VAL A 301 4.97 -14.73 44.08
CA VAL A 301 6.14 -15.52 44.36
C VAL A 301 6.26 -16.70 43.38
N ASP A 302 7.50 -17.06 43.04
CA ASP A 302 7.80 -18.13 42.09
C ASP A 302 7.50 -19.55 42.54
N PHE A 303 6.88 -20.34 41.66
CA PHE A 303 6.58 -21.73 42.00
C PHE A 303 7.91 -22.50 42.01
N TYR A 304 8.82 -22.11 41.11
CA TYR A 304 10.14 -22.71 40.97
C TYR A 304 11.13 -21.61 40.62
N GLY A 305 12.41 -21.84 40.91
CA GLY A 305 13.42 -20.84 40.58
C GLY A 305 13.61 -20.86 39.08
N PRO A 306 13.95 -19.72 38.45
CA PRO A 306 14.15 -19.70 37.00
C PRO A 306 15.10 -20.74 36.41
N TYR A 307 15.91 -21.37 37.26
CA TYR A 307 16.84 -22.39 36.79
C TYR A 307 16.89 -23.65 37.68
N ASP A 308 15.84 -23.87 38.46
CA ASP A 308 15.77 -25.03 39.31
C ASP A 308 15.82 -26.29 38.45
N ALA A 309 15.05 -26.28 37.37
CA ALA A 309 14.99 -27.42 36.45
C ALA A 309 16.36 -27.75 35.89
N GLN A 310 17.09 -26.73 35.47
CA GLN A 310 18.42 -26.92 34.92
C GLN A 310 19.32 -27.56 35.96
N GLU A 311 19.23 -27.11 37.19
CA GLU A 311 20.07 -27.66 38.25
C GLU A 311 19.74 -29.11 38.62
N LEU A 312 18.45 -29.44 38.64
CA LEU A 312 18.03 -30.80 38.98
C LEU A 312 18.46 -31.74 37.88
N VAL A 313 18.23 -31.32 36.64
CA VAL A 313 18.59 -32.11 35.47
C VAL A 313 20.09 -32.37 35.50
N GLU A 314 20.85 -31.33 35.85
CA GLU A 314 22.31 -31.42 35.92
C GLU A 314 22.77 -32.42 36.98
N SER A 315 22.07 -32.46 38.11
CA SER A 315 22.43 -33.38 39.17
C SER A 315 22.16 -34.83 38.79
N TYR A 316 21.23 -35.06 37.86
CA TYR A 316 20.89 -36.41 37.42
C TYR A 316 21.60 -36.70 36.10
N LYS A 317 22.46 -35.77 35.71
CA LYS A 317 23.22 -35.86 34.48
C LYS A 317 23.71 -37.25 34.03
N HIS A 318 24.54 -37.89 34.83
CA HIS A 318 25.09 -39.19 34.46
C HIS A 318 24.09 -40.33 34.49
N GLU A 319 22.84 -40.03 34.80
CA GLU A 319 21.81 -41.04 34.85
C GLU A 319 20.84 -40.91 33.70
N LEU A 320 20.54 -39.67 33.32
CA LEU A 320 19.59 -39.40 32.26
C LEU A 320 19.94 -40.06 30.92
N ASP A 321 21.22 -40.17 30.62
CA ASP A 321 21.64 -40.79 29.37
C ASP A 321 21.14 -40.09 28.12
N ILE A 322 20.88 -38.79 28.25
CA ILE A 322 20.48 -37.94 27.14
C ILE A 322 21.13 -36.59 27.48
N GLU A 323 21.77 -35.98 26.49
CA GLU A 323 22.48 -34.72 26.67
C GLU A 323 21.61 -33.48 26.83
N VAL A 324 21.82 -32.73 27.90
CA VAL A 324 21.02 -31.54 28.11
C VAL A 324 21.74 -30.30 27.63
N VAL A 325 21.00 -29.48 26.86
CA VAL A 325 21.52 -28.24 26.33
C VAL A 325 20.78 -27.14 27.10
N PRO A 326 21.41 -26.61 28.15
CA PRO A 326 20.81 -25.55 28.98
C PRO A 326 20.95 -24.16 28.39
N PHE A 327 19.94 -23.33 28.61
CA PHE A 327 19.93 -21.98 28.11
C PHE A 327 19.56 -20.98 29.19
N ARG A 328 20.20 -19.83 29.14
CA ARG A 328 19.93 -18.76 30.08
C ARG A 328 18.88 -17.92 29.37
N MET A 329 18.16 -17.09 30.12
CA MET A 329 17.13 -16.26 29.51
C MET A 329 17.55 -15.71 28.14
N VAL A 330 16.86 -16.13 27.08
CA VAL A 330 17.20 -15.63 25.74
C VAL A 330 16.42 -14.36 25.46
N THR A 331 17.12 -13.24 25.36
CA THR A 331 16.46 -11.97 25.17
C THR A 331 16.81 -11.20 23.90
N TYR A 332 16.08 -10.11 23.70
CA TYR A 332 16.29 -9.25 22.54
C TYR A 332 17.24 -8.08 22.77
N LEU A 333 18.05 -7.80 21.75
CA LEU A 333 19.02 -6.73 21.77
C LEU A 333 18.69 -5.75 20.64
N PRO A 334 17.97 -4.67 20.96
CA PRO A 334 17.53 -3.61 20.05
C PRO A 334 18.62 -3.12 19.11
N ASP A 335 19.67 -2.57 19.70
CA ASP A 335 20.80 -1.99 18.97
C ASP A 335 21.57 -2.93 18.04
N GLU A 336 21.61 -4.21 18.37
CA GLU A 336 22.30 -5.17 17.50
C GLU A 336 21.26 -5.96 16.71
N ASP A 337 19.98 -5.70 16.99
CA ASP A 337 18.87 -6.38 16.33
C ASP A 337 19.15 -7.87 16.26
N ARG A 338 19.11 -8.54 17.40
CA ARG A 338 19.37 -9.96 17.47
C ARG A 338 19.10 -10.47 18.86
N TYR A 339 18.92 -11.78 18.97
CA TYR A 339 18.67 -12.41 20.24
C TYR A 339 19.94 -13.08 20.73
N ALA A 340 19.98 -13.36 22.02
CA ALA A 340 21.14 -14.01 22.60
C ALA A 340 20.85 -14.32 24.05
N PRO A 341 21.53 -15.34 24.59
CA PRO A 341 21.37 -15.74 25.99
C PRO A 341 21.83 -14.57 26.86
N ILE A 342 21.05 -14.28 27.89
CA ILE A 342 21.38 -13.19 28.78
C ILE A 342 22.77 -13.36 29.43
N ASP A 343 23.19 -14.60 29.64
CA ASP A 343 24.48 -14.87 30.25
C ASP A 343 25.65 -14.58 29.29
N GLN A 344 25.33 -14.22 28.05
CA GLN A 344 26.37 -13.91 27.06
C GLN A 344 26.48 -12.41 26.76
N ILE A 345 25.61 -11.61 27.36
CA ILE A 345 25.67 -10.17 27.13
C ILE A 345 25.94 -9.45 28.44
N ASP A 346 26.47 -8.25 28.34
CA ASP A 346 26.75 -7.44 29.52
C ASP A 346 25.52 -6.58 29.74
N THR A 347 24.64 -7.02 30.63
CA THR A 347 23.42 -6.28 30.90
C THR A 347 23.73 -4.86 31.38
N THR A 348 25.01 -4.50 31.32
CA THR A 348 25.45 -3.17 31.76
C THR A 348 25.72 -2.26 30.56
N LYS A 349 26.53 -2.74 29.61
CA LYS A 349 26.84 -1.95 28.43
C LYS A 349 26.01 -2.30 27.19
N THR A 350 24.89 -3.01 27.38
CA THR A 350 24.01 -3.35 26.27
C THR A 350 22.57 -3.41 26.76
N ARG A 351 21.67 -2.81 25.99
CA ARG A 351 20.26 -2.77 26.35
C ARG A 351 19.50 -3.97 25.80
N THR A 352 18.58 -4.48 26.60
CA THR A 352 17.76 -5.62 26.22
C THR A 352 16.29 -5.24 26.25
N LEU A 353 15.48 -6.04 25.56
CA LEU A 353 14.03 -5.81 25.52
C LEU A 353 13.31 -7.13 25.57
N ASN A 354 12.18 -7.12 26.27
CA ASN A 354 11.41 -8.32 26.42
C ASN A 354 9.91 -8.12 26.63
N ILE A 355 9.13 -8.71 25.74
CA ILE A 355 7.68 -8.67 25.81
C ILE A 355 7.32 -9.98 26.50
N SER A 356 6.83 -9.90 27.74
CA SER A 356 6.45 -11.11 28.47
C SER A 356 5.11 -11.65 27.98
N GLY A 357 4.79 -12.87 28.40
CA GLY A 357 3.54 -13.50 28.02
C GLY A 357 2.39 -12.62 28.44
N THR A 358 2.40 -12.19 29.70
CA THR A 358 1.36 -11.30 30.21
C THR A 358 1.23 -10.15 29.21
N GLU A 359 2.35 -9.47 28.94
CA GLU A 359 2.36 -8.36 28.01
C GLU A 359 1.76 -8.75 26.65
N LEU A 360 2.11 -9.94 26.14
CA LEU A 360 1.57 -10.37 24.86
C LEU A 360 0.07 -10.63 24.97
N ARG A 361 -0.34 -11.37 26.00
CA ARG A 361 -1.75 -11.65 26.21
C ARG A 361 -2.51 -10.33 26.10
N ARG A 362 -2.00 -9.31 26.79
CA ARG A 362 -2.59 -7.99 26.80
C ARG A 362 -2.73 -7.34 25.42
N ARG A 363 -1.65 -7.33 24.61
CA ARG A 363 -1.69 -6.72 23.27
C ARG A 363 -2.75 -7.36 22.40
N LEU A 364 -2.77 -8.70 22.44
CA LEU A 364 -3.73 -9.50 21.69
C LEU A 364 -5.17 -9.17 22.07
N ARG A 365 -5.35 -8.79 23.33
CA ARG A 365 -6.68 -8.47 23.85
C ARG A 365 -7.10 -7.04 23.57
N VAL A 366 -6.14 -6.18 23.26
CA VAL A 366 -6.46 -4.79 22.97
C VAL A 366 -6.31 -4.52 21.48
N GLY A 367 -5.73 -5.47 20.76
CA GLY A 367 -5.54 -5.30 19.33
C GLY A 367 -4.26 -4.53 19.10
N GLY A 368 -3.46 -4.46 20.15
CA GLY A 368 -2.20 -3.76 20.07
C GLY A 368 -1.24 -4.43 19.10
N GLU A 369 -0.29 -3.65 18.60
CA GLU A 369 0.70 -4.16 17.67
C GLU A 369 1.77 -4.97 18.42
N ILE A 370 2.27 -5.99 17.75
CA ILE A 370 3.31 -6.85 18.31
C ILE A 370 4.50 -6.61 17.39
N PRO A 371 5.61 -6.13 17.95
CA PRO A 371 6.85 -5.84 17.22
C PRO A 371 7.27 -6.87 16.16
N GLU A 372 7.68 -6.38 15.00
CA GLU A 372 8.14 -7.27 13.92
C GLU A 372 9.26 -8.13 14.48
N TRP A 373 10.05 -7.55 15.39
CA TRP A 373 11.18 -8.26 16.00
C TRP A 373 10.79 -9.31 17.04
N PHE A 374 9.60 -9.20 17.60
CA PHE A 374 9.18 -10.16 18.62
C PHE A 374 8.83 -11.53 18.06
N SER A 375 7.87 -11.57 17.16
CA SER A 375 7.47 -12.83 16.56
C SER A 375 7.25 -12.64 15.07
N TYR A 376 7.13 -13.73 14.33
CA TYR A 376 6.90 -13.63 12.90
C TYR A 376 5.45 -13.21 12.66
N PRO A 377 5.21 -12.34 11.70
CA PRO A 377 3.86 -11.88 11.39
C PRO A 377 2.78 -12.96 11.20
N GLU A 378 3.10 -14.05 10.48
CA GLU A 378 2.11 -15.13 10.26
C GLU A 378 1.71 -15.77 11.61
N VAL A 379 2.68 -15.90 12.52
CA VAL A 379 2.41 -16.47 13.82
C VAL A 379 1.44 -15.57 14.57
N VAL A 380 1.73 -14.29 14.61
CA VAL A 380 0.87 -13.33 15.30
C VAL A 380 -0.53 -13.31 14.71
N LYS A 381 -0.63 -13.45 13.39
CA LYS A 381 -1.93 -13.45 12.71
C LYS A 381 -2.78 -14.62 13.21
N ILE A 382 -2.15 -15.78 13.27
CA ILE A 382 -2.81 -16.99 13.73
C ILE A 382 -3.22 -16.82 15.17
N LEU A 383 -2.38 -16.19 15.96
CA LEU A 383 -2.70 -15.98 17.36
C LEU A 383 -3.90 -15.07 17.51
N ARG A 384 -3.87 -13.93 16.82
CA ARG A 384 -4.97 -12.96 16.86
C ARG A 384 -6.25 -13.66 16.41
N GLU A 385 -6.13 -14.49 15.37
CA GLU A 385 -7.28 -15.22 14.84
C GLU A 385 -8.06 -15.96 15.92
N SER A 386 -7.36 -16.67 16.80
CA SER A 386 -8.05 -17.43 17.85
C SER A 386 -8.04 -16.76 19.22
N ASN A 387 -7.45 -15.57 19.28
CA ASN A 387 -7.39 -14.78 20.50
C ASN A 387 -7.64 -13.35 20.07
N PRO A 388 -8.87 -13.09 19.60
CA PRO A 388 -9.34 -11.79 19.11
C PRO A 388 -9.33 -10.63 20.09
N PRO A 389 -9.11 -9.41 19.57
CA PRO A 389 -9.09 -8.21 20.40
C PRO A 389 -10.50 -7.95 20.92
N ARG A 390 -10.61 -7.16 21.97
CA ARG A 390 -11.92 -6.89 22.57
C ARG A 390 -13.05 -6.56 21.61
N PRO A 391 -12.82 -5.67 20.65
CA PRO A 391 -13.91 -5.34 19.71
C PRO A 391 -14.48 -6.53 18.94
N LYS A 392 -13.83 -7.69 19.06
CA LYS A 392 -14.29 -8.90 18.39
C LYS A 392 -14.74 -9.94 19.41
N GLN A 393 -14.44 -9.68 20.68
CA GLN A 393 -14.81 -10.60 21.75
C GLN A 393 -16.30 -10.61 22.09
N GLY A 394 -16.74 -11.70 22.70
CA GLY A 394 -18.12 -11.82 23.09
C GLY A 394 -18.21 -11.42 24.54
N PHE A 395 -19.44 -11.25 25.03
CA PHE A 395 -19.63 -10.87 26.41
C PHE A 395 -21.08 -11.12 26.82
N SER A 396 -21.35 -10.93 28.10
CA SER A 396 -22.69 -11.12 28.61
C SER A 396 -22.96 -10.08 29.71
N ILE A 397 -24.14 -9.47 29.66
CA ILE A 397 -24.55 -8.49 30.67
C ILE A 397 -25.67 -9.17 31.47
N VAL A 398 -25.53 -9.20 32.79
CA VAL A 398 -26.53 -9.84 33.63
C VAL A 398 -27.27 -8.81 34.47
N LEU A 399 -28.60 -8.81 34.35
CA LEU A 399 -29.43 -7.88 35.09
C LEU A 399 -29.51 -8.45 36.51
N GLY A 400 -28.78 -7.81 37.41
CA GLY A 400 -28.71 -8.24 38.80
C GLY A 400 -30.06 -8.40 39.45
N ASN A 401 -30.09 -9.19 40.51
CA ASN A 401 -31.31 -9.45 41.26
C ASN A 401 -31.85 -8.22 41.97
N SER A 402 -30.96 -7.31 42.36
CA SER A 402 -31.36 -6.10 43.05
C SER A 402 -32.18 -5.19 42.13
N LEU A 403 -31.95 -5.31 40.82
CA LEU A 403 -32.65 -4.53 39.81
C LEU A 403 -34.15 -4.47 40.08
N THR A 404 -34.70 -3.27 39.99
CA THR A 404 -36.11 -3.04 40.26
C THR A 404 -36.90 -2.53 39.06
N VAL A 405 -36.19 -2.19 37.98
CA VAL A 405 -36.84 -1.70 36.76
C VAL A 405 -37.36 -2.90 36.00
N SER A 406 -38.10 -2.66 34.93
CA SER A 406 -38.60 -3.77 34.13
C SER A 406 -37.44 -4.48 33.47
N ARG A 407 -37.29 -5.77 33.78
CA ARG A 407 -36.21 -6.54 33.21
C ARG A 407 -36.46 -6.71 31.72
N GLU A 408 -37.71 -6.95 31.33
CA GLU A 408 -38.05 -7.11 29.92
C GLU A 408 -37.66 -5.85 29.15
N GLN A 409 -38.19 -4.71 29.57
CA GLN A 409 -37.88 -3.45 28.91
C GLN A 409 -36.41 -3.06 28.90
N LEU A 410 -35.69 -3.31 29.99
CA LEU A 410 -34.27 -2.98 30.07
C LEU A 410 -33.49 -3.88 29.10
N SER A 411 -33.96 -5.12 28.98
CA SER A 411 -33.35 -6.08 28.08
C SER A 411 -33.44 -5.59 26.63
N ILE A 412 -34.66 -5.24 26.23
CA ILE A 412 -34.91 -4.76 24.89
C ILE A 412 -34.11 -3.50 24.60
N ALA A 413 -34.14 -2.57 25.56
CA ALA A 413 -33.42 -1.31 25.43
C ALA A 413 -31.93 -1.59 25.17
N LEU A 414 -31.33 -2.48 25.95
CA LEU A 414 -29.93 -2.84 25.76
C LEU A 414 -29.75 -3.51 24.39
N LEU A 415 -30.69 -4.36 23.99
CA LEU A 415 -30.62 -5.03 22.71
C LEU A 415 -30.65 -4.02 21.56
N SER A 416 -31.70 -3.21 21.50
CA SER A 416 -31.82 -2.21 20.45
C SER A 416 -30.66 -1.23 20.42
N THR A 417 -30.11 -0.90 21.58
CA THR A 417 -28.97 0.02 21.62
C THR A 417 -27.74 -0.65 21.01
N PHE A 418 -27.40 -1.86 21.46
CA PHE A 418 -26.24 -2.54 20.92
C PHE A 418 -26.36 -2.68 19.41
N LEU A 419 -27.57 -2.97 18.96
CA LEU A 419 -27.83 -3.17 17.55
C LEU A 419 -27.45 -1.99 16.66
N GLN A 420 -27.70 -0.77 17.14
CA GLN A 420 -27.38 0.38 16.32
C GLN A 420 -25.90 0.57 16.09
N PHE A 421 -25.08 0.12 17.02
CA PHE A 421 -23.63 0.27 16.87
C PHE A 421 -23.12 -0.46 15.64
N GLY A 422 -23.70 -1.61 15.32
CA GLY A 422 -23.25 -2.37 14.16
C GLY A 422 -21.86 -2.91 14.38
N GLY A 423 -21.20 -3.41 13.33
CA GLY A 423 -19.85 -3.92 13.52
C GLY A 423 -19.68 -5.44 13.46
N GLY A 424 -20.78 -6.19 13.32
CA GLY A 424 -20.66 -7.62 13.20
C GLY A 424 -20.94 -8.55 14.38
N ARG A 425 -21.13 -8.02 15.58
CA ARG A 425 -21.42 -8.89 16.73
C ARG A 425 -22.88 -9.31 16.74
N TYR A 426 -23.16 -10.53 17.18
CA TYR A 426 -24.53 -11.02 17.24
C TYR A 426 -25.04 -10.83 18.67
N TYR A 427 -26.27 -10.34 18.83
CA TYR A 427 -26.79 -10.13 20.16
C TYR A 427 -28.06 -10.93 20.41
N LYS A 428 -28.26 -11.30 21.68
CA LYS A 428 -29.44 -12.05 22.06
C LYS A 428 -29.85 -11.91 23.52
N ILE A 429 -31.15 -11.82 23.78
CA ILE A 429 -31.65 -11.78 25.16
C ILE A 429 -31.70 -13.27 25.50
N PHE A 430 -30.85 -13.71 26.42
CA PHE A 430 -30.76 -15.13 26.78
C PHE A 430 -31.36 -15.46 28.13
N GLU A 431 -32.51 -16.12 28.10
CA GLU A 431 -33.21 -16.55 29.31
C GLU A 431 -32.78 -17.99 29.64
N HIS A 432 -32.13 -18.17 30.78
CA HIS A 432 -31.66 -19.49 31.17
C HIS A 432 -32.62 -20.27 32.06
N ASN A 433 -33.53 -19.56 32.73
CA ASN A 433 -34.50 -20.19 33.63
C ASN A 433 -33.82 -21.19 34.52
N ASN A 434 -32.58 -20.89 34.88
CA ASN A 434 -31.82 -21.77 35.77
C ASN A 434 -31.58 -23.18 35.24
N LYS A 435 -31.93 -23.43 33.99
CA LYS A 435 -31.72 -24.75 33.39
C LYS A 435 -30.25 -24.83 32.97
N THR A 436 -29.51 -25.71 33.64
CA THR A 436 -28.10 -25.85 33.35
C THR A 436 -27.84 -26.18 31.88
N GLU A 437 -28.78 -26.85 31.21
CA GLU A 437 -28.55 -27.14 29.82
C GLU A 437 -28.43 -25.83 29.05
N LEU A 438 -28.93 -24.76 29.65
CA LEU A 438 -28.85 -23.47 29.00
C LEU A 438 -27.66 -22.68 29.53
N LEU A 439 -27.52 -22.66 30.86
CA LEU A 439 -26.41 -21.98 31.52
C LEU A 439 -25.07 -22.38 30.90
N SER A 440 -24.96 -23.65 30.54
CA SER A 440 -23.75 -24.19 29.96
C SER A 440 -23.47 -23.68 28.56
N LEU A 441 -24.44 -22.98 27.99
CA LEU A 441 -24.27 -22.46 26.63
C LEU A 441 -23.75 -21.02 26.63
N ILE A 442 -23.94 -20.32 27.74
CA ILE A 442 -23.51 -18.94 27.87
C ILE A 442 -22.10 -18.69 27.35
N GLN A 443 -21.16 -19.56 27.72
CA GLN A 443 -19.79 -19.39 27.26
C GLN A 443 -19.58 -19.78 25.80
N ASP A 444 -20.44 -20.65 25.27
CA ASP A 444 -20.33 -21.05 23.89
C ASP A 444 -20.60 -19.84 23.02
N PHE A 445 -21.58 -19.04 23.44
CA PHE A 445 -21.96 -17.81 22.75
C PHE A 445 -20.87 -16.75 22.90
N ILE A 446 -20.37 -16.58 24.13
CA ILE A 446 -19.31 -15.61 24.39
C ILE A 446 -18.13 -16.03 23.53
N GLY A 447 -17.92 -17.33 23.48
CA GLY A 447 -16.84 -17.88 22.68
C GLY A 447 -17.07 -17.64 21.21
N SER A 448 -18.32 -17.55 20.78
CA SER A 448 -18.65 -17.32 19.37
C SER A 448 -18.58 -15.86 19.00
N GLY A 449 -18.32 -15.03 20.00
CA GLY A 449 -18.18 -13.60 19.80
C GLY A 449 -19.45 -12.80 19.97
N SER A 450 -20.47 -13.45 20.51
CA SER A 450 -21.76 -12.84 20.71
C SER A 450 -21.94 -12.08 22.02
N GLY A 451 -22.89 -11.14 22.00
CA GLY A 451 -23.20 -10.36 23.18
C GLY A 451 -24.55 -10.83 23.69
N LEU A 452 -24.58 -11.34 24.92
CA LEU A 452 -25.81 -11.84 25.51
C LEU A 452 -26.37 -10.95 26.61
N ILE A 453 -27.66 -10.69 26.54
CA ILE A 453 -28.33 -9.86 27.54
C ILE A 453 -29.16 -10.84 28.36
N ILE A 454 -28.73 -11.07 29.60
CA ILE A 454 -29.38 -12.01 30.50
C ILE A 454 -30.24 -11.29 31.55
N PRO A 455 -31.57 -11.37 31.37
CA PRO A 455 -32.64 -10.77 32.20
C PRO A 455 -32.54 -11.00 33.70
N ASN A 456 -31.85 -12.04 34.14
CA ASN A 456 -31.70 -12.26 35.58
C ASN A 456 -30.64 -13.28 35.94
N GLN A 457 -30.28 -13.27 37.22
CA GLN A 457 -29.26 -14.15 37.74
C GLN A 457 -29.68 -15.60 37.82
N TRP A 458 -28.72 -16.47 38.10
CA TRP A 458 -28.98 -17.88 38.23
C TRP A 458 -28.62 -18.32 39.63
N GLU A 459 -29.32 -19.36 40.11
CA GLU A 459 -29.10 -19.94 41.43
C GLU A 459 -27.62 -20.09 41.71
N ASP A 460 -27.20 -19.89 42.95
CA ASP A 460 -25.79 -20.03 43.28
C ASP A 460 -25.35 -21.47 43.05
N ASP A 461 -26.24 -22.42 43.34
CA ASP A 461 -25.90 -23.83 43.14
C ASP A 461 -25.52 -24.15 41.69
N LYS A 462 -25.99 -23.31 40.76
CA LYS A 462 -25.72 -23.53 39.35
C LYS A 462 -24.53 -22.72 38.83
N ASP A 463 -24.03 -21.81 39.66
CA ASP A 463 -22.92 -20.94 39.26
C ASP A 463 -21.72 -21.63 38.61
N SER A 464 -21.33 -22.78 39.14
CA SER A 464 -20.21 -23.52 38.60
C SER A 464 -20.39 -23.80 37.10
N VAL A 465 -21.62 -24.12 36.70
CA VAL A 465 -21.94 -24.41 35.30
C VAL A 465 -21.55 -23.32 34.31
N VAL A 466 -21.50 -22.07 34.76
CA VAL A 466 -21.18 -20.95 33.88
C VAL A 466 -19.73 -20.45 33.89
N GLY A 467 -19.17 -20.26 32.71
CA GLY A 467 -17.81 -19.75 32.61
C GLY A 467 -17.78 -18.24 32.80
N LYS A 468 -17.27 -17.82 33.94
CA LYS A 468 -17.18 -16.41 34.32
C LYS A 468 -16.54 -15.40 33.34
N GLN A 469 -15.79 -15.86 32.34
CA GLN A 469 -15.13 -14.94 31.39
C GLN A 469 -16.09 -14.06 30.59
N ASN A 470 -15.80 -12.75 30.58
CA ASN A 470 -16.58 -11.74 29.88
C ASN A 470 -18.06 -11.73 30.30
N VAL A 471 -18.30 -12.09 31.55
CA VAL A 471 -19.65 -12.13 32.11
C VAL A 471 -19.76 -11.03 33.16
N TYR A 472 -20.41 -9.93 32.83
CA TYR A 472 -20.51 -8.80 33.76
C TYR A 472 -21.87 -8.66 34.43
N LEU A 473 -21.83 -8.31 35.72
CA LEU A 473 -23.04 -8.16 36.54
C LEU A 473 -23.41 -6.70 36.72
N LEU A 474 -24.66 -6.39 36.35
CA LEU A 474 -25.23 -5.04 36.46
C LEU A 474 -26.10 -5.05 37.71
N ASP A 475 -25.68 -4.33 38.75
CA ASP A 475 -26.43 -4.35 40.00
C ASP A 475 -26.04 -3.19 40.92
N THR A 476 -26.81 -2.97 41.97
CA THR A 476 -26.51 -1.89 42.93
C THR A 476 -25.46 -2.40 43.89
N SER A 477 -25.32 -3.73 43.94
CA SER A 477 -24.34 -4.38 44.79
C SER A 477 -22.95 -3.82 44.59
N SER A 478 -22.20 -3.68 45.68
CA SER A 478 -20.85 -3.15 45.63
C SER A 478 -19.98 -4.08 44.78
N SER A 479 -20.32 -5.36 44.79
CA SER A 479 -19.58 -6.37 44.03
C SER A 479 -20.19 -6.62 42.63
N ALA A 480 -20.68 -5.56 42.00
CA ALA A 480 -21.25 -5.65 40.67
C ALA A 480 -20.20 -5.07 39.73
N ASP A 481 -20.12 -5.60 38.52
CA ASP A 481 -19.14 -5.10 37.55
C ASP A 481 -19.55 -3.72 37.05
N ILE A 482 -20.84 -3.54 36.80
CA ILE A 482 -21.35 -2.24 36.38
C ILE A 482 -22.33 -1.92 37.49
N GLN A 483 -21.90 -1.05 38.40
CA GLN A 483 -22.72 -0.70 39.56
C GLN A 483 -23.78 0.37 39.29
N LEU A 484 -25.02 0.06 39.63
CA LEU A 484 -26.11 1.01 39.45
C LEU A 484 -26.19 1.90 40.67
N GLU A 485 -26.73 3.09 40.47
CA GLU A 485 -26.88 4.07 41.51
C GLU A 485 -27.99 3.60 42.44
N SER A 486 -29.08 3.11 41.85
CA SER A 486 -30.19 2.60 42.62
C SER A 486 -30.93 1.57 41.78
N ALA A 487 -31.59 0.64 42.45
CA ALA A 487 -32.33 -0.42 41.78
C ALA A 487 -33.41 0.15 40.85
N ASP A 488 -33.93 1.33 41.17
CA ASP A 488 -34.99 1.95 40.35
C ASP A 488 -34.49 2.91 39.26
N GLU A 489 -33.17 3.03 39.12
CA GLU A 489 -32.56 3.93 38.13
C GLU A 489 -33.23 3.86 36.77
N PRO A 490 -33.55 5.01 36.16
CA PRO A 490 -34.20 4.97 34.84
C PRO A 490 -33.43 4.21 33.75
N ILE A 491 -34.16 3.44 32.95
CA ILE A 491 -33.55 2.64 31.90
C ILE A 491 -32.48 3.33 31.04
N SER A 492 -32.85 4.44 30.41
CA SER A 492 -31.88 5.15 29.58
C SER A 492 -30.59 5.44 30.35
N HIS A 493 -30.70 5.69 31.65
CA HIS A 493 -29.50 5.97 32.45
C HIS A 493 -28.67 4.70 32.55
N ILE A 494 -29.34 3.59 32.83
CA ILE A 494 -28.66 2.31 32.95
C ILE A 494 -27.98 1.98 31.63
N VAL A 495 -28.73 2.16 30.53
CA VAL A 495 -28.20 1.84 29.21
C VAL A 495 -26.89 2.56 28.91
N GLN A 496 -26.82 3.85 29.27
CA GLN A 496 -25.60 4.62 29.02
C GLN A 496 -24.46 4.07 29.85
N LYS A 497 -24.71 3.82 31.13
CA LYS A 497 -23.71 3.26 32.01
C LYS A 497 -23.13 2.00 31.37
N VAL A 498 -24.00 1.10 30.93
CA VAL A 498 -23.56 -0.16 30.32
C VAL A 498 -22.76 0.07 29.03
N VAL A 499 -23.28 0.93 28.16
CA VAL A 499 -22.61 1.22 26.90
C VAL A 499 -21.20 1.72 27.15
N LEU A 500 -21.10 2.74 28.00
CA LEU A 500 -19.82 3.32 28.31
C LEU A 500 -18.88 2.32 28.98
N PHE A 501 -19.43 1.42 29.79
CA PHE A 501 -18.64 0.38 30.45
C PHE A 501 -18.02 -0.52 29.39
N LEU A 502 -18.85 -1.01 28.48
CA LEU A 502 -18.42 -1.88 27.40
C LEU A 502 -17.45 -1.17 26.47
N GLU A 503 -17.67 0.13 26.25
CA GLU A 503 -16.78 0.87 25.38
C GLU A 503 -15.44 1.11 26.08
N ASP A 504 -15.49 1.26 27.40
CA ASP A 504 -14.26 1.48 28.18
C ASP A 504 -13.44 0.20 28.23
N ASN A 505 -14.08 -0.95 28.02
CA ASN A 505 -13.40 -2.23 28.05
C ASN A 505 -13.11 -2.81 26.67
N GLY A 506 -13.11 -1.94 25.66
CA GLY A 506 -12.80 -2.37 24.32
C GLY A 506 -13.83 -3.14 23.50
N PHE A 507 -14.98 -3.46 24.08
CA PHE A 507 -15.99 -4.20 23.34
C PHE A 507 -16.59 -3.38 22.25
N PHE A 508 -16.71 -2.09 22.49
CA PHE A 508 -17.24 -1.18 21.48
C PHE A 508 -16.17 -0.16 21.12
N VAL A 509 -16.03 0.14 19.84
CA VAL A 509 -15.07 1.12 19.35
C VAL A 509 -15.79 1.98 18.32
N PHE A 510 -15.85 3.28 18.58
CA PHE A 510 -16.51 4.19 17.65
C PHE A 510 -15.51 5.09 16.90
N PRO B 1 24.84 18.53 -41.47
CA PRO B 1 24.93 19.12 -42.82
C PRO B 1 25.18 20.62 -42.74
N ALA B 2 25.52 21.22 -43.86
CA ALA B 2 25.80 22.65 -43.89
C ALA B 2 24.50 23.42 -43.62
N PRO B 3 24.60 24.61 -43.02
CA PRO B 3 23.36 25.35 -42.77
C PRO B 3 22.75 25.74 -44.11
N HIS B 4 21.44 25.90 -44.13
CA HIS B 4 20.71 26.26 -45.35
C HIS B 4 21.36 27.49 -45.98
N GLY B 5 21.66 27.40 -47.28
CA GLY B 5 22.30 28.50 -47.95
C GLY B 5 23.80 28.36 -47.85
N GLY B 6 24.25 27.42 -47.03
CA GLY B 6 25.67 27.18 -46.87
C GLY B 6 26.42 27.94 -45.79
N ILE B 7 25.86 29.03 -45.30
CA ILE B 7 26.52 29.84 -44.28
C ILE B 7 25.67 30.05 -43.04
N LEU B 8 26.19 29.68 -41.87
CA LEU B 8 25.40 29.90 -40.66
C LEU B 8 25.41 31.40 -40.40
N GLN B 9 24.23 32.00 -40.44
CA GLN B 9 24.13 33.43 -40.21
C GLN B 9 24.04 33.84 -38.76
N ASP B 10 25.04 33.45 -37.96
CA ASP B 10 25.08 33.83 -36.55
C ASP B 10 25.51 35.30 -36.54
N LEU B 11 24.54 36.20 -36.52
CA LEU B 11 24.82 37.63 -36.54
C LEU B 11 25.33 38.15 -35.20
N ILE B 12 25.11 37.40 -34.13
CA ILE B 12 25.62 37.82 -32.84
C ILE B 12 27.14 37.75 -32.97
N ALA B 13 27.60 36.64 -33.53
CA ALA B 13 29.02 36.41 -33.73
C ALA B 13 29.53 37.41 -34.76
N ARG B 14 28.81 37.53 -35.87
CA ARG B 14 29.22 38.46 -36.91
C ARG B 14 29.40 39.90 -36.44
N ASP B 15 28.42 40.40 -35.71
CA ASP B 15 28.44 41.79 -35.26
C ASP B 15 29.05 42.05 -33.88
N ALA B 16 29.87 41.14 -33.39
CA ALA B 16 30.49 41.26 -32.06
C ALA B 16 31.18 42.59 -31.79
N LEU B 17 32.05 43.03 -32.69
CA LEU B 17 32.77 44.28 -32.51
C LEU B 17 31.97 45.54 -32.83
N LYS B 18 30.67 45.38 -33.06
CA LYS B 18 29.79 46.51 -33.34
C LYS B 18 28.84 46.69 -32.17
N LYS B 19 28.82 45.72 -31.27
CA LYS B 19 27.89 45.76 -30.17
C LYS B 19 27.81 47.11 -29.44
N ASN B 20 28.94 47.60 -28.95
CA ASN B 20 28.95 48.86 -28.23
C ASN B 20 28.43 50.00 -29.07
N GLU B 21 28.79 49.99 -30.35
CA GLU B 21 28.39 51.03 -31.29
C GLU B 21 26.89 50.95 -31.60
N LEU B 22 26.44 49.74 -31.90
CA LEU B 22 25.02 49.52 -32.20
C LEU B 22 24.24 49.89 -30.97
N LEU B 23 24.74 49.50 -29.80
CA LEU B 23 24.06 49.79 -28.56
C LEU B 23 23.82 51.28 -28.41
N SER B 24 24.87 52.06 -28.58
CA SER B 24 24.78 53.51 -28.48
C SER B 24 23.72 54.04 -29.43
N GLU B 25 23.75 53.57 -30.68
CA GLU B 25 22.79 54.01 -31.69
C GLU B 25 21.36 53.67 -31.28
N ALA B 26 21.17 52.42 -30.85
CA ALA B 26 19.86 51.95 -30.42
C ALA B 26 19.32 52.82 -29.30
N GLN B 27 20.23 53.40 -28.53
CA GLN B 27 19.82 54.22 -27.40
C GLN B 27 19.91 55.72 -27.62
N SER B 28 20.06 56.15 -28.87
CA SER B 28 20.14 57.57 -29.17
C SER B 28 18.74 58.18 -29.16
N SER B 29 18.65 59.46 -28.81
CA SER B 29 17.37 60.13 -28.74
C SER B 29 16.78 60.45 -30.10
N ASP B 30 17.42 59.99 -31.17
CA ASP B 30 16.89 60.30 -32.49
C ASP B 30 16.43 59.15 -33.36
N ILE B 31 16.85 57.94 -33.02
CA ILE B 31 16.50 56.76 -33.80
C ILE B 31 15.04 56.32 -33.61
N LEU B 32 14.44 55.84 -34.69
CA LEU B 32 13.06 55.36 -34.64
C LEU B 32 13.09 54.05 -33.85
N VAL B 33 12.11 53.86 -32.99
CA VAL B 33 12.06 52.65 -32.16
C VAL B 33 10.77 51.85 -32.21
N TRP B 34 10.92 50.53 -32.34
CA TRP B 34 9.79 49.61 -32.37
C TRP B 34 9.99 48.49 -31.34
N ASN B 35 9.03 48.36 -30.44
CA ASN B 35 9.10 47.33 -29.43
C ASN B 35 8.50 46.06 -30.03
N LEU B 36 9.35 45.05 -30.21
CA LEU B 36 8.95 43.77 -30.79
C LEU B 36 7.77 43.09 -30.10
N THR B 37 6.94 42.40 -30.87
CA THR B 37 5.80 41.70 -30.29
C THR B 37 6.34 40.33 -29.91
N PRO B 38 5.56 39.54 -29.18
CA PRO B 38 5.97 38.19 -28.75
C PRO B 38 6.46 37.30 -29.90
N ARG B 39 5.67 37.19 -30.98
CA ARG B 39 6.12 36.35 -32.08
C ARG B 39 7.35 36.93 -32.77
N GLN B 40 7.42 38.26 -32.80
CA GLN B 40 8.54 38.96 -33.42
C GLN B 40 9.83 38.72 -32.63
N LEU B 41 9.70 38.58 -31.32
CA LEU B 41 10.84 38.31 -30.45
C LEU B 41 11.28 36.87 -30.68
N CYS B 42 10.32 36.03 -31.07
CA CYS B 42 10.62 34.63 -31.34
C CYS B 42 11.36 34.49 -32.64
N ASP B 43 10.91 35.25 -33.65
CA ASP B 43 11.48 35.24 -35.00
C ASP B 43 12.86 35.90 -35.05
N ILE B 44 12.98 37.06 -34.42
CA ILE B 44 14.26 37.77 -34.46
C ILE B 44 15.37 37.00 -33.78
N GLU B 45 15.02 36.18 -32.79
CA GLU B 45 16.07 35.42 -32.12
C GLU B 45 16.55 34.26 -33.01
N LEU B 46 15.66 33.76 -33.85
CA LEU B 46 16.04 32.68 -34.77
C LEU B 46 16.81 33.28 -35.94
N ILE B 47 16.57 34.57 -36.23
CA ILE B 47 17.29 35.22 -37.32
C ILE B 47 18.69 35.57 -36.86
N LEU B 48 18.79 36.23 -35.71
CA LEU B 48 20.10 36.63 -35.21
C LEU B 48 21.10 35.51 -34.88
N ASN B 49 20.61 34.29 -34.59
CA ASN B 49 21.54 33.20 -34.27
C ASN B 49 21.83 32.21 -35.41
N GLY B 50 21.31 32.47 -36.59
CA GLY B 50 21.56 31.58 -37.70
C GLY B 50 20.55 30.47 -37.85
N GLY B 51 19.54 30.46 -36.98
CA GLY B 51 18.52 29.43 -37.06
C GLY B 51 17.69 29.52 -38.31
N PHE B 52 17.54 30.75 -38.82
CA PHE B 52 16.76 31.00 -40.02
C PHE B 52 17.67 31.22 -41.23
N SER B 53 18.91 30.72 -41.14
CA SER B 53 19.84 30.84 -42.26
C SER B 53 19.08 30.30 -43.45
N PRO B 54 19.23 30.92 -44.62
CA PRO B 54 20.08 32.08 -44.91
C PRO B 54 19.62 33.46 -44.51
N LEU B 55 18.40 33.60 -44.01
CA LEU B 55 17.89 34.92 -43.63
C LEU B 55 18.81 35.75 -42.71
N THR B 56 18.83 37.06 -42.93
CA THR B 56 19.63 37.97 -42.09
C THR B 56 18.85 39.26 -41.74
N GLY B 57 17.53 39.17 -41.85
CA GLY B 57 16.66 40.30 -41.56
C GLY B 57 15.26 39.83 -41.88
N PHE B 58 14.27 40.73 -41.84
CA PHE B 58 12.89 40.35 -42.16
C PHE B 58 12.64 40.49 -43.65
N LEU B 59 11.87 39.58 -44.21
CA LEU B 59 11.63 39.59 -45.65
C LEU B 59 11.05 40.86 -46.25
N ASN B 60 11.61 41.27 -47.39
CA ASN B 60 11.12 42.44 -48.12
C ASN B 60 10.04 41.91 -49.04
N GLU B 61 9.34 42.80 -49.72
CA GLU B 61 8.24 42.39 -50.59
C GLU B 61 8.64 41.34 -51.65
N ASN B 62 9.83 41.51 -52.21
CA ASN B 62 10.31 40.58 -53.24
C ASN B 62 10.45 39.16 -52.67
N ASP B 63 11.19 39.04 -51.57
CA ASP B 63 11.40 37.75 -50.93
C ASP B 63 10.10 37.21 -50.37
N TYR B 64 9.35 38.06 -49.67
CA TYR B 64 8.07 37.66 -49.09
C TYR B 64 7.13 37.06 -50.14
N SER B 65 6.98 37.79 -51.23
CA SER B 65 6.12 37.41 -52.34
C SER B 65 6.46 36.04 -52.92
N SER B 66 7.76 35.80 -53.09
CA SER B 66 8.26 34.56 -53.64
C SER B 66 7.94 33.40 -52.70
N VAL B 67 8.13 33.63 -51.41
CA VAL B 67 7.84 32.61 -50.41
C VAL B 67 6.35 32.24 -50.47
N VAL B 68 5.50 33.24 -50.61
CA VAL B 68 4.06 33.02 -50.68
C VAL B 68 3.60 32.24 -51.90
N THR B 69 4.10 32.61 -53.06
CA THR B 69 3.70 31.94 -54.31
C THR B 69 4.62 30.85 -54.79
N ASP B 70 5.86 30.88 -54.30
CA ASP B 70 6.89 29.91 -54.70
C ASP B 70 7.45 28.97 -53.63
N SER B 71 7.20 29.25 -52.35
CA SER B 71 7.76 28.45 -51.26
C SER B 71 9.29 28.56 -51.37
N ARG B 72 9.74 29.65 -51.97
CA ARG B 72 11.15 29.91 -52.18
C ARG B 72 11.46 31.36 -52.00
N LEU B 73 12.71 31.66 -51.66
CA LEU B 73 13.13 33.03 -51.53
C LEU B 73 13.30 33.48 -52.98
N ALA B 74 13.45 34.78 -53.19
CA ALA B 74 13.59 35.31 -54.55
C ALA B 74 14.70 34.63 -55.34
N ASP B 75 15.81 34.33 -54.66
CA ASP B 75 16.96 33.70 -55.30
C ASP B 75 16.77 32.20 -55.53
N GLY B 76 15.61 31.68 -55.15
CA GLY B 76 15.34 30.27 -55.35
C GLY B 76 15.55 29.38 -54.14
N THR B 77 16.15 29.93 -53.08
CA THR B 77 16.38 29.14 -51.88
C THR B 77 15.05 28.61 -51.33
N LEU B 78 14.96 27.29 -51.13
CA LEU B 78 13.74 26.68 -50.62
C LEU B 78 13.37 27.28 -49.27
N TRP B 79 12.21 27.92 -49.19
CA TRP B 79 11.76 28.55 -47.93
C TRP B 79 10.23 28.75 -47.97
N THR B 80 9.54 27.99 -47.12
CA THR B 80 8.07 27.97 -47.07
C THR B 80 7.28 28.91 -46.16
N ILE B 81 7.86 29.34 -45.05
CA ILE B 81 7.13 30.20 -44.13
C ILE B 81 7.65 31.64 -44.17
N PRO B 82 6.78 32.61 -44.42
CA PRO B 82 7.24 34.01 -44.47
C PRO B 82 7.52 34.58 -43.09
N ILE B 83 8.72 35.14 -42.89
CA ILE B 83 9.10 35.76 -41.62
C ILE B 83 9.17 37.26 -41.87
N THR B 84 8.20 37.99 -41.34
CA THR B 84 8.14 39.44 -41.56
C THR B 84 7.93 40.27 -40.29
N LEU B 85 8.32 41.55 -40.38
CA LEU B 85 8.16 42.50 -39.28
C LEU B 85 6.90 43.30 -39.58
N ASP B 86 5.79 42.88 -38.95
CA ASP B 86 4.49 43.54 -39.12
C ASP B 86 4.28 44.68 -38.15
N VAL B 87 4.04 45.87 -38.70
CA VAL B 87 3.82 47.07 -37.92
C VAL B 87 2.49 47.70 -38.33
N ASP B 88 2.07 48.73 -37.59
CA ASP B 88 0.83 49.42 -37.89
C ASP B 88 1.03 50.61 -38.83
N GLU B 89 -0.06 51.13 -39.39
CA GLU B 89 0.01 52.27 -40.30
C GLU B 89 0.77 53.46 -39.67
N ALA B 90 0.46 53.75 -38.42
CA ALA B 90 1.12 54.85 -37.73
C ALA B 90 2.64 54.72 -37.86
N PHE B 91 3.19 53.63 -37.32
CA PHE B 91 4.63 53.45 -37.38
C PHE B 91 5.11 53.41 -38.81
N ALA B 92 4.44 52.63 -39.63
CA ALA B 92 4.83 52.51 -41.02
C ALA B 92 5.06 53.85 -41.71
N ASN B 93 4.18 54.81 -41.44
CA ASN B 93 4.25 56.14 -42.04
C ASN B 93 5.48 56.96 -41.71
N GLN B 94 6.25 56.50 -40.75
CA GLN B 94 7.45 57.23 -40.37
C GLN B 94 8.66 56.56 -40.96
N ILE B 95 8.43 55.45 -41.63
CA ILE B 95 9.52 54.68 -42.21
C ILE B 95 9.79 55.02 -43.67
N LYS B 96 11.07 55.06 -44.00
CA LYS B 96 11.52 55.35 -45.35
C LYS B 96 12.70 54.40 -45.59
N PRO B 97 12.92 53.96 -46.84
CA PRO B 97 14.07 53.07 -47.00
C PRO B 97 15.34 53.82 -46.58
N ASP B 98 16.35 53.07 -46.18
CA ASP B 98 17.61 53.61 -45.71
C ASP B 98 17.48 53.98 -44.24
N THR B 99 16.25 54.09 -43.77
CA THR B 99 15.99 54.40 -42.37
C THR B 99 16.52 53.27 -41.50
N ARG B 100 16.96 53.61 -40.29
CA ARG B 100 17.45 52.61 -39.33
C ARG B 100 16.53 52.62 -38.13
N ILE B 101 15.99 51.45 -37.79
CA ILE B 101 15.09 51.34 -36.66
C ILE B 101 15.71 50.51 -35.56
N ALA B 102 15.57 50.97 -34.31
CA ALA B 102 16.08 50.22 -33.19
C ALA B 102 14.92 49.34 -32.73
N LEU B 103 15.14 48.03 -32.70
CA LEU B 103 14.11 47.09 -32.27
C LEU B 103 14.39 46.70 -30.83
N PHE B 104 13.45 47.05 -29.95
CA PHE B 104 13.59 46.76 -28.53
C PHE B 104 12.70 45.63 -28.08
N GLN B 105 12.94 45.22 -26.84
CA GLN B 105 12.19 44.14 -26.21
C GLN B 105 11.74 44.70 -24.87
N ASP B 106 10.44 44.67 -24.61
CA ASP B 106 9.88 45.16 -23.36
C ASP B 106 10.18 46.64 -23.18
N ASP B 107 10.41 47.33 -24.30
CA ASP B 107 10.72 48.76 -24.31
C ASP B 107 11.92 49.06 -23.47
N GLU B 108 12.77 48.07 -23.24
CA GLU B 108 13.92 48.32 -22.39
C GLU B 108 15.23 47.74 -22.91
N ILE B 109 15.18 46.52 -23.45
CA ILE B 109 16.38 45.89 -23.96
C ILE B 109 16.55 46.05 -25.45
N PRO B 110 17.64 46.71 -25.87
CA PRO B 110 17.88 46.90 -27.30
C PRO B 110 18.35 45.61 -27.95
N ILE B 111 17.53 45.09 -28.86
CA ILE B 111 17.83 43.82 -29.53
C ILE B 111 18.67 43.96 -30.81
N ALA B 112 18.23 44.80 -31.74
CA ALA B 112 18.95 44.97 -32.98
C ALA B 112 18.59 46.25 -33.71
N ILE B 113 19.35 46.56 -34.76
CA ILE B 113 19.08 47.72 -35.60
C ILE B 113 18.69 47.19 -36.99
N LEU B 114 17.49 47.54 -37.41
CA LEU B 114 16.97 47.12 -38.70
C LEU B 114 17.21 48.24 -39.70
N THR B 115 17.77 47.88 -40.85
CA THR B 115 18.01 48.86 -41.91
C THR B 115 16.95 48.60 -42.96
N VAL B 116 15.94 49.45 -42.95
CA VAL B 116 14.81 49.37 -43.86
C VAL B 116 15.12 49.33 -45.35
N GLN B 117 14.52 48.37 -46.03
CA GLN B 117 14.70 48.23 -47.45
C GLN B 117 13.38 48.61 -48.12
N ASP B 118 12.27 48.31 -47.45
CA ASP B 118 10.95 48.65 -47.98
C ASP B 118 9.84 48.54 -46.93
N VAL B 119 8.70 49.13 -47.26
CA VAL B 119 7.55 49.12 -46.39
C VAL B 119 6.36 48.82 -47.27
N TYR B 120 5.81 47.62 -47.16
CA TYR B 120 4.68 47.26 -47.99
C TYR B 120 3.47 46.80 -47.18
N LYS B 121 2.29 46.83 -47.81
CA LYS B 121 1.06 46.41 -47.16
C LYS B 121 0.55 45.13 -47.82
N PRO B 122 0.98 43.98 -47.30
CA PRO B 122 0.59 42.67 -47.83
C PRO B 122 -0.92 42.44 -47.98
N ASN B 123 -1.28 41.54 -48.89
CA ASN B 123 -2.68 41.20 -49.06
C ASN B 123 -2.86 39.98 -48.18
N LYS B 124 -3.34 40.21 -46.96
CA LYS B 124 -3.52 39.12 -46.01
C LYS B 124 -4.37 37.94 -46.49
N THR B 125 -5.25 38.19 -47.45
CA THR B 125 -6.07 37.10 -47.96
C THR B 125 -5.22 36.12 -48.77
N ILE B 126 -4.33 36.64 -49.60
CA ILE B 126 -3.48 35.75 -50.40
C ILE B 126 -2.58 34.93 -49.49
N GLU B 127 -1.92 35.61 -48.55
CA GLU B 127 -1.04 34.92 -47.61
C GLU B 127 -1.84 33.85 -46.87
N ALA B 128 -3.04 34.22 -46.46
CA ALA B 128 -3.91 33.30 -45.76
C ALA B 128 -4.16 32.06 -46.61
N GLU B 129 -4.66 32.27 -47.83
CA GLU B 129 -4.97 31.18 -48.75
C GLU B 129 -3.77 30.37 -49.21
N LYS B 130 -2.79 31.04 -49.81
CA LYS B 130 -1.58 30.41 -50.36
C LYS B 130 -0.59 29.75 -49.39
N VAL B 131 -0.39 30.36 -48.23
CA VAL B 131 0.55 29.82 -47.24
C VAL B 131 -0.09 28.94 -46.17
N PHE B 132 -1.25 29.36 -45.67
CA PHE B 132 -1.93 28.64 -44.59
C PHE B 132 -3.20 27.90 -44.98
N ARG B 133 -3.49 27.83 -46.28
CA ARG B 133 -4.67 27.15 -46.81
C ARG B 133 -6.03 27.81 -46.60
N GLY B 134 -6.02 29.10 -46.28
CA GLY B 134 -7.26 29.86 -46.13
C GLY B 134 -8.37 29.60 -45.13
N ASP B 135 -8.35 28.50 -44.37
CA ASP B 135 -9.43 28.27 -43.40
C ASP B 135 -9.31 29.31 -42.27
N PRO B 136 -10.32 30.18 -42.12
CA PRO B 136 -10.33 31.22 -41.08
C PRO B 136 -10.05 30.79 -39.65
N GLU B 137 -10.33 29.54 -39.32
CA GLU B 137 -10.08 29.01 -37.99
C GLU B 137 -8.62 28.60 -37.80
N HIS B 138 -7.87 28.53 -38.91
CA HIS B 138 -6.47 28.17 -38.88
C HIS B 138 -5.71 29.16 -37.98
N PRO B 139 -4.94 28.66 -37.00
CA PRO B 139 -4.16 29.48 -36.06
C PRO B 139 -3.35 30.61 -36.70
N ALA B 140 -2.68 30.33 -37.81
CA ALA B 140 -1.85 31.34 -38.45
C ALA B 140 -2.68 32.40 -39.18
N ILE B 141 -3.86 32.00 -39.65
CA ILE B 141 -4.74 32.94 -40.34
C ILE B 141 -5.40 33.87 -39.35
N SER B 142 -5.91 33.31 -38.26
CA SER B 142 -6.52 34.10 -37.19
C SER B 142 -5.52 35.14 -36.69
N TYR B 143 -4.29 34.70 -36.41
CA TYR B 143 -3.23 35.61 -35.94
C TYR B 143 -3.03 36.68 -37.02
N LEU B 144 -2.86 36.22 -38.26
CA LEU B 144 -2.64 37.11 -39.39
C LEU B 144 -3.61 38.28 -39.44
N PHE B 145 -4.90 37.98 -39.32
CA PHE B 145 -5.91 39.04 -39.38
C PHE B 145 -6.23 39.70 -38.06
N ASN B 146 -6.03 39.00 -36.96
CA ASN B 146 -6.38 39.55 -35.66
C ASN B 146 -5.27 40.12 -34.81
N VAL B 147 -4.03 39.74 -35.10
CA VAL B 147 -2.91 40.23 -34.31
C VAL B 147 -1.82 40.90 -35.14
N ALA B 148 -1.48 40.31 -36.28
CA ALA B 148 -0.43 40.85 -37.14
C ALA B 148 -0.71 42.28 -37.62
N GLY B 149 0.34 43.10 -37.73
CA GLY B 149 0.15 44.45 -38.23
C GLY B 149 -0.23 44.37 -39.70
N ASP B 150 -0.73 45.46 -40.27
CA ASP B 150 -1.13 45.44 -41.68
C ASP B 150 -0.01 45.89 -42.63
N TYR B 151 1.09 46.37 -42.06
CA TYR B 151 2.23 46.80 -42.86
C TYR B 151 3.50 46.05 -42.45
N TYR B 152 4.17 45.47 -43.44
CA TYR B 152 5.41 44.72 -43.22
C TYR B 152 6.61 45.62 -43.53
N VAL B 153 7.65 45.53 -42.71
CA VAL B 153 8.84 46.32 -42.93
C VAL B 153 9.99 45.38 -43.21
N GLY B 154 10.42 45.33 -44.47
CA GLY B 154 11.54 44.47 -44.83
C GLY B 154 12.85 45.19 -44.58
N GLY B 155 13.92 44.44 -44.32
CA GLY B 155 15.21 45.05 -44.08
C GLY B 155 16.23 44.12 -43.46
N SER B 156 17.51 44.52 -43.53
CA SER B 156 18.61 43.73 -42.97
C SER B 156 18.78 44.05 -41.49
N LEU B 157 19.29 43.08 -40.75
CA LEU B 157 19.46 43.23 -39.30
C LEU B 157 20.92 43.31 -38.87
N GLU B 158 21.14 43.92 -37.72
CA GLU B 158 22.47 44.01 -37.12
C GLU B 158 22.25 43.69 -35.65
N ALA B 159 22.82 42.57 -35.21
CA ALA B 159 22.65 42.08 -33.86
C ALA B 159 23.28 42.86 -32.72
N ILE B 160 22.56 42.98 -31.61
CA ILE B 160 23.08 43.62 -30.42
C ILE B 160 23.11 42.50 -29.38
N GLN B 161 22.01 41.78 -29.25
CA GLN B 161 21.95 40.67 -28.32
C GLN B 161 20.68 39.89 -28.60
N LEU B 162 20.63 38.63 -28.22
CA LEU B 162 19.44 37.80 -28.41
C LEU B 162 18.44 38.20 -27.34
N PRO B 163 17.13 37.98 -27.60
CA PRO B 163 16.13 38.35 -26.61
C PRO B 163 16.49 37.73 -25.26
N GLN B 164 16.18 38.46 -24.20
CA GLN B 164 16.48 38.03 -22.85
C GLN B 164 15.53 36.91 -22.37
N HIS B 165 16.04 35.99 -21.56
CA HIS B 165 15.25 34.87 -21.01
C HIS B 165 15.80 34.52 -19.64
N TYR B 166 14.94 34.50 -18.62
CA TYR B 166 15.42 34.19 -17.29
C TYR B 166 15.12 32.76 -16.86
N ASP B 167 14.38 32.04 -17.68
CA ASP B 167 14.07 30.66 -17.37
C ASP B 167 14.86 29.72 -18.28
N TYR B 168 15.16 28.52 -17.78
CA TYR B 168 15.90 27.50 -18.53
C TYR B 168 17.10 28.10 -19.26
N PRO B 169 17.88 28.95 -18.56
CA PRO B 169 19.08 29.68 -19.00
C PRO B 169 20.10 28.95 -19.86
N GLY B 170 20.44 27.72 -19.51
CA GLY B 170 21.43 27.02 -20.29
C GLY B 170 20.88 26.07 -21.34
N LEU B 171 19.57 25.87 -21.32
CA LEU B 171 18.97 24.92 -22.25
C LEU B 171 18.61 25.41 -23.64
N ARG B 172 18.54 26.72 -23.84
CA ARG B 172 18.18 27.27 -25.14
C ARG B 172 19.39 27.38 -26.06
N LYS B 173 20.01 26.25 -26.39
CA LYS B 173 21.20 26.27 -27.25
C LYS B 173 21.00 26.92 -28.60
N THR B 174 22.02 27.66 -29.04
CA THR B 174 21.98 28.32 -30.34
C THR B 174 22.50 27.32 -31.38
N PRO B 175 22.28 27.58 -32.68
CA PRO B 175 22.79 26.61 -33.64
C PRO B 175 24.29 26.32 -33.42
N ALA B 176 25.09 27.36 -33.26
CA ALA B 176 26.52 27.20 -33.05
C ALA B 176 26.80 26.40 -31.79
N GLN B 177 26.17 26.80 -30.69
CA GLN B 177 26.33 26.08 -29.43
C GLN B 177 25.96 24.60 -29.53
N LEU B 178 24.77 24.30 -30.06
CA LEU B 178 24.34 22.91 -30.20
C LEU B 178 25.37 22.18 -31.05
N ARG B 179 25.75 22.77 -32.18
CA ARG B 179 26.72 22.13 -33.05
C ARG B 179 27.97 21.78 -32.26
N LEU B 180 28.38 22.66 -31.36
CA LEU B 180 29.57 22.43 -30.54
C LEU B 180 29.32 21.30 -29.54
N GLU B 181 28.07 21.17 -29.10
CA GLU B 181 27.69 20.16 -28.13
C GLU B 181 27.83 18.80 -28.77
N PHE B 182 27.20 18.65 -29.94
CA PHE B 182 27.23 17.39 -30.67
C PHE B 182 28.68 16.98 -30.93
N GLN B 183 29.46 17.98 -31.30
CA GLN B 183 30.87 17.79 -31.62
C GLN B 183 31.71 17.30 -30.44
N SER B 184 31.66 18.03 -29.32
CA SER B 184 32.43 17.63 -28.17
C SER B 184 32.14 16.17 -27.79
N ARG B 185 30.98 15.67 -28.20
CA ARG B 185 30.60 14.31 -27.89
C ARG B 185 30.89 13.39 -29.07
N GLN B 186 31.30 13.97 -30.19
CA GLN B 186 31.60 13.22 -31.41
C GLN B 186 30.37 12.61 -32.04
N TRP B 187 29.29 13.37 -31.98
CA TRP B 187 28.05 12.92 -32.56
C TRP B 187 28.03 13.42 -33.99
N ASP B 188 28.15 12.50 -34.95
CA ASP B 188 28.13 12.87 -36.35
C ASP B 188 26.85 12.42 -37.04
N ARG B 189 25.86 12.04 -36.25
CA ARG B 189 24.56 11.62 -36.75
C ARG B 189 23.57 11.91 -35.64
N VAL B 190 22.68 12.86 -35.87
CA VAL B 190 21.71 13.23 -34.85
C VAL B 190 20.32 13.37 -35.46
N VAL B 191 19.37 12.60 -34.94
CA VAL B 191 18.00 12.71 -35.43
C VAL B 191 17.20 13.60 -34.46
N ALA B 192 16.66 14.68 -35.01
CA ALA B 192 15.90 15.65 -34.24
C ALA B 192 14.40 15.38 -34.21
N PHE B 193 13.81 15.59 -33.03
CA PHE B 193 12.39 15.38 -32.81
C PHE B 193 11.78 16.71 -32.40
N GLN B 194 10.85 17.21 -33.22
CA GLN B 194 10.12 18.45 -32.97
C GLN B 194 8.91 18.09 -32.13
N THR B 195 8.49 18.99 -31.24
CA THR B 195 7.31 18.74 -30.41
C THR B 195 6.83 19.99 -29.70
N ARG B 196 5.51 20.07 -29.51
CA ARG B 196 4.87 21.20 -28.84
C ARG B 196 3.86 20.73 -27.80
N ASN B 197 3.85 19.42 -27.57
CA ASN B 197 2.95 18.83 -26.58
C ASN B 197 3.82 18.01 -25.67
N PRO B 198 3.21 17.42 -24.63
CA PRO B 198 4.06 16.60 -23.76
C PRO B 198 4.37 15.28 -24.48
N MET B 199 5.45 14.63 -24.09
CA MET B 199 5.82 13.35 -24.70
C MET B 199 5.34 12.21 -23.83
N HIS B 200 4.71 11.23 -24.47
CA HIS B 200 4.18 10.05 -23.79
C HIS B 200 4.94 8.82 -24.32
N ARG B 201 4.49 7.64 -23.91
CA ARG B 201 5.13 6.39 -24.32
C ARG B 201 5.36 6.28 -25.83
N ALA B 202 4.33 6.56 -26.62
CA ALA B 202 4.46 6.49 -28.07
C ALA B 202 5.64 7.31 -28.58
N HIS B 203 5.77 8.53 -28.07
CA HIS B 203 6.85 9.42 -28.48
C HIS B 203 8.22 8.85 -28.17
N ARG B 204 8.40 8.42 -26.93
CA ARG B 204 9.66 7.82 -26.52
C ARG B 204 9.99 6.65 -27.45
N GLU B 205 9.01 5.79 -27.69
CA GLU B 205 9.25 4.65 -28.56
C GLU B 205 9.52 5.08 -30.01
N LEU B 206 8.77 6.04 -30.51
CA LEU B 206 8.99 6.45 -31.88
C LEU B 206 10.37 7.13 -32.06
N THR B 207 10.78 7.94 -31.09
CA THR B 207 12.08 8.63 -31.21
C THR B 207 13.23 7.63 -31.08
N VAL B 208 13.01 6.56 -30.34
CA VAL B 208 14.04 5.54 -30.17
C VAL B 208 14.13 4.72 -31.46
N ARG B 209 12.98 4.42 -32.07
CA ARG B 209 13.01 3.67 -33.31
C ARG B 209 13.81 4.49 -34.32
N ALA B 210 13.55 5.79 -34.35
CA ALA B 210 14.23 6.67 -35.26
C ALA B 210 15.73 6.56 -35.03
N ALA B 211 16.15 6.67 -33.76
CA ALA B 211 17.56 6.61 -33.40
C ALA B 211 18.22 5.31 -33.86
N ARG B 212 17.43 4.24 -33.80
CA ARG B 212 17.87 2.91 -34.18
C ARG B 212 17.89 2.76 -35.69
N GLU B 213 16.84 3.23 -36.35
CA GLU B 213 16.76 3.16 -37.80
C GLU B 213 17.85 4.02 -38.44
N ALA B 214 17.96 5.27 -37.99
CA ALA B 214 18.94 6.20 -38.53
C ALA B 214 20.35 6.00 -38.04
N ASN B 215 20.53 5.19 -36.98
CA ASN B 215 21.87 4.98 -36.43
C ASN B 215 22.39 6.33 -36.01
N ALA B 216 21.58 7.07 -35.27
CA ALA B 216 21.98 8.39 -34.83
C ALA B 216 21.55 8.66 -33.39
N LYS B 217 22.18 9.65 -32.78
CA LYS B 217 21.83 10.03 -31.42
C LYS B 217 20.51 10.82 -31.48
N VAL B 218 19.87 10.98 -30.32
CA VAL B 218 18.58 11.67 -30.23
C VAL B 218 18.57 13.11 -29.68
N LEU B 219 18.02 14.02 -30.47
CA LEU B 219 17.89 15.40 -30.02
C LEU B 219 16.41 15.72 -29.78
N ILE B 220 16.02 15.88 -28.52
CA ILE B 220 14.66 16.28 -28.23
C ILE B 220 14.70 17.82 -28.33
N HIS B 221 14.20 18.35 -29.44
CA HIS B 221 14.24 19.78 -29.68
C HIS B 221 12.84 20.40 -29.62
N PRO B 222 12.29 20.57 -28.41
CA PRO B 222 10.96 21.13 -28.22
C PRO B 222 10.81 22.63 -28.46
N VAL B 223 9.64 23.05 -28.91
CA VAL B 223 9.34 24.45 -29.18
C VAL B 223 8.87 25.18 -27.90
N VAL B 224 9.57 26.23 -27.51
CA VAL B 224 9.19 26.96 -26.31
C VAL B 224 8.84 28.42 -26.60
N GLY B 225 8.79 28.77 -27.88
CA GLY B 225 8.44 30.13 -28.29
C GLY B 225 6.94 30.32 -28.23
N LEU B 226 6.26 30.10 -29.36
CA LEU B 226 4.80 30.22 -29.45
C LEU B 226 4.31 29.02 -30.21
N THR B 227 3.21 28.44 -29.74
CA THR B 227 2.68 27.27 -30.42
C THR B 227 1.23 27.52 -30.84
N LYS B 228 0.32 26.67 -30.40
CA LYS B 228 -1.08 26.79 -30.73
C LYS B 228 -1.84 27.29 -29.50
N PRO B 229 -2.72 28.29 -29.67
CA PRO B 229 -3.43 28.73 -28.47
C PRO B 229 -4.15 27.53 -27.81
N GLY B 230 -3.92 27.34 -26.52
CA GLY B 230 -4.56 26.25 -25.82
C GLY B 230 -3.60 25.14 -25.49
N ASP B 231 -2.39 25.21 -26.04
CA ASP B 231 -1.39 24.19 -25.79
C ASP B 231 -0.99 24.24 -24.32
N ILE B 232 -0.36 23.16 -23.85
CA ILE B 232 0.14 23.12 -22.48
C ILE B 232 1.28 24.13 -22.45
N ASP B 233 1.38 24.90 -21.37
CA ASP B 233 2.44 25.90 -21.30
C ASP B 233 3.81 25.25 -21.40
N HIS B 234 4.80 25.97 -21.93
CA HIS B 234 6.12 25.39 -22.10
C HIS B 234 6.84 25.01 -20.80
N HIS B 235 6.53 25.69 -19.71
CA HIS B 235 7.20 25.37 -18.45
C HIS B 235 6.82 23.95 -18.03
N THR B 236 5.53 23.65 -18.04
CA THR B 236 5.02 22.33 -17.70
C THR B 236 5.61 21.30 -18.66
N ARG B 237 5.74 21.68 -19.93
CA ARG B 237 6.30 20.78 -20.92
C ARG B 237 7.80 20.57 -20.69
N VAL B 238 8.57 21.63 -20.44
CA VAL B 238 10.01 21.44 -20.19
C VAL B 238 10.22 20.41 -19.08
N ARG B 239 9.40 20.51 -18.02
CA ARG B 239 9.46 19.56 -16.90
C ARG B 239 9.14 18.18 -17.42
N VAL B 240 8.07 18.06 -18.21
CA VAL B 240 7.72 16.77 -18.78
C VAL B 240 8.89 16.23 -19.61
N TYR B 241 9.52 17.11 -20.39
CA TYR B 241 10.65 16.73 -21.23
C TYR B 241 11.85 16.28 -20.39
N GLN B 242 12.25 17.09 -19.43
CA GLN B 242 13.40 16.73 -18.61
C GLN B 242 13.16 15.41 -17.89
N GLU B 243 11.90 15.13 -17.57
CA GLU B 243 11.57 13.91 -16.89
C GLU B 243 11.65 12.73 -17.86
N ILE B 244 10.94 12.83 -18.98
CA ILE B 244 10.96 11.73 -19.94
C ILE B 244 12.34 11.40 -20.52
N ILE B 245 13.24 12.38 -20.60
CA ILE B 245 14.56 12.13 -21.13
C ILE B 245 15.34 11.13 -20.30
N LYS B 246 14.94 10.95 -19.05
CA LYS B 246 15.59 10.01 -18.16
C LYS B 246 15.16 8.58 -18.49
N ARG B 247 14.20 8.42 -19.40
CA ARG B 247 13.73 7.08 -19.76
C ARG B 247 14.50 6.50 -20.94
N TYR B 248 15.36 7.31 -21.53
CA TYR B 248 16.16 6.87 -22.66
C TYR B 248 17.45 6.28 -22.10
N PRO B 249 18.12 5.41 -22.85
CA PRO B 249 19.36 4.84 -22.33
C PRO B 249 20.44 5.90 -22.17
N ASN B 250 21.22 5.79 -21.09
CA ASN B 250 22.29 6.74 -20.78
C ASN B 250 23.16 7.10 -21.97
N GLY B 251 23.24 8.38 -22.27
CA GLY B 251 24.07 8.86 -23.36
C GLY B 251 23.48 8.88 -24.76
N ILE B 252 22.21 8.58 -24.92
CA ILE B 252 21.64 8.58 -26.26
C ILE B 252 20.90 9.87 -26.71
N ALA B 253 20.42 10.65 -25.75
CA ALA B 253 19.66 11.86 -26.09
C ALA B 253 20.15 13.17 -25.48
N PHE B 254 19.85 14.26 -26.18
CA PHE B 254 20.21 15.59 -25.73
C PHE B 254 18.95 16.45 -25.80
N LEU B 255 18.79 17.33 -24.81
CA LEU B 255 17.64 18.21 -24.79
C LEU B 255 18.13 19.63 -25.02
N SER B 256 17.43 20.33 -25.91
CA SER B 256 17.73 21.72 -26.21
C SER B 256 16.39 22.36 -26.56
N LEU B 257 16.13 23.52 -25.96
CA LEU B 257 14.89 24.24 -26.19
C LEU B 257 15.02 25.17 -27.41
N LEU B 258 14.00 25.16 -28.26
CA LEU B 258 14.00 25.99 -29.46
C LEU B 258 12.96 27.08 -29.29
N PRO B 259 13.41 28.35 -29.20
CA PRO B 259 12.51 29.50 -29.03
C PRO B 259 11.79 29.92 -30.32
N LEU B 260 11.35 28.94 -31.09
CA LEU B 260 10.66 29.18 -32.35
C LEU B 260 9.20 29.53 -32.15
N ALA B 261 8.64 30.35 -33.04
CA ALA B 261 7.23 30.69 -32.94
C ALA B 261 6.58 29.90 -34.06
N MET B 262 5.90 28.83 -33.69
CA MET B 262 5.24 27.98 -34.67
C MET B 262 4.14 28.72 -35.44
N ARG B 263 3.69 28.13 -36.54
CA ARG B 263 2.64 28.72 -37.33
C ARG B 263 1.53 27.71 -37.48
N MET B 264 1.79 26.48 -37.06
CA MET B 264 0.84 25.39 -37.19
C MET B 264 0.51 25.27 -38.67
N SER B 265 1.54 25.46 -39.50
CA SER B 265 1.35 25.40 -40.94
C SER B 265 1.66 24.03 -41.56
N GLY B 266 1.10 23.00 -40.93
CA GLY B 266 1.25 21.63 -41.40
C GLY B 266 2.42 21.34 -42.30
N ASP B 267 2.15 20.96 -43.55
CA ASP B 267 3.22 20.62 -44.48
C ASP B 267 4.27 21.71 -44.75
N ARG B 268 3.85 22.95 -45.00
CA ARG B 268 4.84 24.00 -45.24
C ARG B 268 5.74 24.11 -44.03
N GLU B 269 5.13 24.05 -42.85
CA GLU B 269 5.86 24.15 -41.59
C GLU B 269 6.87 23.03 -41.40
N ALA B 270 6.51 21.83 -41.79
CA ALA B 270 7.43 20.70 -41.68
C ALA B 270 8.71 21.01 -42.51
N VAL B 271 8.55 21.44 -43.77
CA VAL B 271 9.69 21.75 -44.63
C VAL B 271 10.57 22.76 -43.91
N TRP B 272 9.91 23.74 -43.28
CA TRP B 272 10.59 24.80 -42.55
C TRP B 272 11.36 24.24 -41.33
N HIS B 273 10.70 23.37 -40.58
CA HIS B 273 11.30 22.75 -39.41
C HIS B 273 12.57 22.00 -39.76
N ALA B 274 12.54 21.32 -40.91
CA ALA B 274 13.70 20.56 -41.38
C ALA B 274 14.84 21.52 -41.68
N ILE B 275 14.53 22.64 -42.30
CA ILE B 275 15.55 23.63 -42.62
C ILE B 275 16.15 24.14 -41.31
N ILE B 276 15.27 24.45 -40.37
CA ILE B 276 15.72 24.95 -39.08
C ILE B 276 16.59 23.95 -38.37
N ARG B 277 16.11 22.71 -38.25
CA ARG B 277 16.90 21.68 -37.58
C ARG B 277 18.26 21.45 -38.24
N LYS B 278 18.32 21.56 -39.57
CA LYS B 278 19.58 21.39 -40.27
C LYS B 278 20.53 22.51 -39.83
N ASN B 279 20.01 23.73 -39.74
CA ASN B 279 20.84 24.87 -39.34
C ASN B 279 21.39 24.60 -37.96
N TYR B 280 20.57 24.00 -37.11
CA TYR B 280 20.96 23.68 -35.74
C TYR B 280 21.94 22.52 -35.61
N GLY B 281 22.23 21.85 -36.72
CA GLY B 281 23.19 20.75 -36.68
C GLY B 281 22.66 19.34 -36.75
N ALA B 282 21.38 19.16 -37.03
CA ALA B 282 20.84 17.81 -37.12
C ALA B 282 21.13 17.17 -38.48
N SER B 283 21.29 15.85 -38.49
CA SER B 283 21.55 15.13 -39.72
C SER B 283 20.27 14.45 -40.21
N HIS B 284 19.35 14.21 -39.26
CA HIS B 284 18.07 13.59 -39.56
C HIS B 284 16.96 14.34 -38.86
N PHE B 285 15.75 14.32 -39.43
CA PHE B 285 14.60 15.00 -38.84
C PHE B 285 13.32 14.13 -38.93
N ILE B 286 12.71 13.91 -37.79
CA ILE B 286 11.49 13.11 -37.73
C ILE B 286 10.26 13.89 -38.20
N VAL B 287 9.41 13.24 -38.99
CA VAL B 287 8.18 13.86 -39.44
C VAL B 287 7.13 12.78 -39.34
N GLY B 288 6.34 12.87 -38.27
CA GLY B 288 5.30 11.89 -38.02
C GLY B 288 3.94 12.31 -38.52
N ARG B 289 2.90 11.65 -37.99
CA ARG B 289 1.53 11.93 -38.39
C ARG B 289 1.05 13.35 -38.08
N ASP B 290 0.43 13.98 -39.07
CA ASP B 290 -0.07 15.35 -38.96
C ASP B 290 0.95 16.32 -38.38
N HIS B 291 2.20 16.22 -38.84
CA HIS B 291 3.26 17.09 -38.35
C HIS B 291 2.82 18.56 -38.45
N ALA B 292 3.02 19.30 -37.35
CA ALA B 292 2.70 20.72 -37.23
C ALA B 292 1.27 21.14 -37.63
N GLY B 293 0.35 20.18 -37.64
CA GLY B 293 -1.03 20.48 -38.00
C GLY B 293 -1.86 20.90 -36.80
N PRO B 294 -2.85 21.78 -37.00
CA PRO B 294 -3.69 22.23 -35.90
C PRO B 294 -4.98 21.40 -35.71
N GLY B 295 -4.99 20.18 -36.22
CA GLY B 295 -6.15 19.33 -36.08
C GLY B 295 -7.25 19.66 -37.06
N LYS B 296 -8.49 19.62 -36.58
CA LYS B 296 -9.66 19.90 -37.42
C LYS B 296 -10.33 21.20 -37.00
N ASN B 297 -11.06 21.81 -37.93
CA ASN B 297 -11.81 23.03 -37.64
C ASN B 297 -13.10 22.61 -36.94
N SER B 298 -13.84 23.58 -36.39
CA SER B 298 -15.08 23.26 -35.69
C SER B 298 -15.98 22.33 -36.48
N LYS B 299 -15.96 22.43 -37.81
CA LYS B 299 -16.79 21.56 -38.64
C LYS B 299 -16.29 20.11 -38.69
N GLY B 300 -15.17 19.83 -38.04
CA GLY B 300 -14.62 18.48 -38.01
C GLY B 300 -13.76 18.06 -39.21
N VAL B 301 -13.48 19.00 -40.11
CA VAL B 301 -12.67 18.72 -41.29
C VAL B 301 -11.21 19.05 -41.01
N ASP B 302 -10.32 18.25 -41.57
CA ASP B 302 -8.87 18.39 -41.41
C ASP B 302 -8.23 19.64 -42.05
N PHE B 303 -7.35 20.31 -41.31
CA PHE B 303 -6.66 21.47 -41.85
C PHE B 303 -5.64 20.96 -42.87
N TYR B 304 -5.02 19.82 -42.55
CA TYR B 304 -4.03 19.15 -43.40
C TYR B 304 -4.26 17.66 -43.32
N GLY B 305 -3.87 16.93 -44.37
CA GLY B 305 -4.03 15.49 -44.37
C GLY B 305 -3.06 14.92 -43.36
N PRO B 306 -3.36 13.77 -42.76
CA PRO B 306 -2.44 13.18 -41.76
C PRO B 306 -1.01 12.97 -42.25
N TYR B 307 -0.79 13.02 -43.57
CA TYR B 307 0.55 12.82 -44.09
C TYR B 307 0.95 13.81 -45.17
N ASP B 308 0.26 14.94 -45.23
CA ASP B 308 0.58 15.97 -46.19
C ASP B 308 2.01 16.46 -45.98
N ALA B 309 2.39 16.62 -44.72
CA ALA B 309 3.72 17.10 -44.38
C ALA B 309 4.78 16.13 -44.87
N GLN B 310 4.56 14.85 -44.62
CA GLN B 310 5.51 13.87 -45.05
C GLN B 310 5.69 13.94 -46.56
N GLU B 311 4.58 14.03 -47.29
CA GLU B 311 4.65 14.09 -48.74
C GLU B 311 5.35 15.32 -49.29
N LEU B 312 5.09 16.48 -48.69
CA LEU B 312 5.74 17.71 -49.15
C LEU B 312 7.24 17.64 -48.89
N VAL B 313 7.58 17.19 -47.70
CA VAL B 313 8.98 17.05 -47.30
C VAL B 313 9.68 16.09 -48.27
N GLU B 314 8.98 15.03 -48.66
CA GLU B 314 9.51 14.03 -49.58
C GLU B 314 9.76 14.60 -50.96
N SER B 315 8.89 15.51 -51.40
CA SER B 315 9.06 16.13 -52.71
C SER B 315 10.23 17.10 -52.73
N TYR B 316 10.61 17.62 -51.56
CA TYR B 316 11.73 18.55 -51.46
C TYR B 316 12.98 17.82 -50.99
N LYS B 317 12.86 16.50 -50.90
CA LYS B 317 13.92 15.63 -50.44
C LYS B 317 15.37 15.94 -50.85
N HIS B 318 15.65 16.00 -52.14
CA HIS B 318 17.01 16.24 -52.59
C HIS B 318 17.50 17.66 -52.41
N GLU B 319 16.62 18.53 -51.92
CA GLU B 319 16.96 19.92 -51.69
C GLU B 319 17.20 20.21 -50.21
N LEU B 320 16.44 19.57 -49.34
CA LEU B 320 16.54 19.77 -47.90
C LEU B 320 17.92 19.52 -47.32
N ASP B 321 18.65 18.57 -47.89
CA ASP B 321 19.99 18.29 -47.40
C ASP B 321 20.05 17.83 -45.95
N ILE B 322 18.94 17.27 -45.48
CA ILE B 322 18.83 16.73 -44.14
C ILE B 322 17.91 15.53 -44.33
N GLU B 323 18.28 14.39 -43.76
CA GLU B 323 17.53 13.16 -43.90
C GLU B 323 16.21 13.12 -43.13
N VAL B 324 15.12 12.77 -43.78
CA VAL B 324 13.84 12.70 -43.07
C VAL B 324 13.45 11.29 -42.68
N VAL B 325 13.11 11.13 -41.41
CA VAL B 325 12.69 9.84 -40.88
C VAL B 325 11.17 9.89 -40.69
N PRO B 326 10.40 9.43 -41.69
CA PRO B 326 8.94 9.44 -41.60
C PRO B 326 8.36 8.33 -40.74
N PHE B 327 7.22 8.63 -40.12
CA PHE B 327 6.58 7.65 -39.28
C PHE B 327 5.08 7.64 -39.54
N ARG B 328 4.50 6.45 -39.47
CA ARG B 328 3.07 6.28 -39.67
C ARG B 328 2.52 6.33 -38.25
N MET B 329 1.22 6.58 -38.12
CA MET B 329 0.59 6.66 -36.80
C MET B 329 1.14 5.60 -35.84
N VAL B 330 1.86 6.04 -34.81
CA VAL B 330 2.42 5.08 -33.84
C VAL B 330 1.37 4.84 -32.79
N THR B 331 0.89 3.60 -32.74
CA THR B 331 -0.16 3.24 -31.79
C THR B 331 0.17 2.14 -30.78
N TYR B 332 -0.75 1.93 -29.86
CA TYR B 332 -0.59 0.92 -28.81
C TYR B 332 -1.22 -0.42 -29.14
N LEU B 333 -0.51 -1.48 -28.76
CA LEU B 333 -0.97 -2.84 -28.97
C LEU B 333 -1.14 -3.54 -27.62
N PRO B 334 -2.38 -3.59 -27.11
CA PRO B 334 -2.73 -4.20 -25.83
C PRO B 334 -2.14 -5.59 -25.60
N ASP B 335 -2.51 -6.52 -26.48
CA ASP B 335 -2.10 -7.92 -26.42
C ASP B 335 -0.59 -8.19 -26.47
N GLU B 336 0.15 -7.31 -27.14
CA GLU B 336 1.59 -7.48 -27.20
C GLU B 336 2.25 -6.47 -26.26
N ASP B 337 1.43 -5.62 -25.64
CA ASP B 337 1.92 -4.59 -24.73
C ASP B 337 3.16 -3.92 -25.32
N ARG B 338 2.95 -3.16 -26.39
CA ARG B 338 4.02 -2.45 -27.06
C ARG B 338 3.47 -1.51 -28.10
N TYR B 339 4.30 -0.57 -28.52
CA TYR B 339 3.91 0.41 -29.52
C TYR B 339 4.53 0.02 -30.85
N ALA B 340 3.98 0.54 -31.91
CA ALA B 340 4.50 0.25 -33.23
C ALA B 340 3.77 1.10 -34.25
N PRO B 341 4.43 1.37 -35.38
CA PRO B 341 3.84 2.17 -36.47
C PRO B 341 2.63 1.40 -37.03
N ILE B 342 1.54 2.11 -37.24
CA ILE B 342 0.34 1.48 -37.73
C ILE B 342 0.58 0.74 -39.05
N ASP B 343 1.50 1.25 -39.87
CA ASP B 343 1.80 0.63 -41.15
C ASP B 343 2.56 -0.70 -41.05
N GLN B 344 2.96 -1.07 -39.83
CA GLN B 344 3.68 -2.32 -39.60
C GLN B 344 2.81 -3.39 -38.95
N ILE B 345 1.57 -3.04 -38.61
CA ILE B 345 0.67 -4.01 -37.98
C ILE B 345 -0.54 -4.26 -38.89
N ASP B 346 -1.14 -5.43 -38.73
CA ASP B 346 -2.32 -5.78 -39.49
C ASP B 346 -3.49 -5.35 -38.63
N THR B 347 -4.03 -4.17 -38.92
CA THR B 347 -5.15 -3.64 -38.15
C THR B 347 -6.35 -4.59 -38.26
N THR B 348 -6.10 -5.77 -38.80
CA THR B 348 -7.16 -6.76 -38.96
C THR B 348 -7.00 -7.86 -37.94
N LYS B 349 -5.82 -8.45 -37.86
CA LYS B 349 -5.58 -9.52 -36.92
C LYS B 349 -4.91 -9.07 -35.62
N THR B 350 -4.87 -7.76 -35.38
CA THR B 350 -4.29 -7.22 -34.14
C THR B 350 -5.08 -5.99 -33.69
N ARG B 351 -5.32 -5.92 -32.38
CA ARG B 351 -6.08 -4.83 -31.80
C ARG B 351 -5.19 -3.68 -31.34
N THR B 352 -5.64 -2.45 -31.63
CA THR B 352 -4.90 -1.25 -31.25
C THR B 352 -5.71 -0.37 -30.31
N LEU B 353 -5.00 0.44 -29.53
CA LEU B 353 -5.66 1.35 -28.61
C LEU B 353 -5.01 2.71 -28.67
N ASN B 354 -5.83 3.74 -28.53
CA ASN B 354 -5.34 5.10 -28.60
C ASN B 354 -6.13 6.12 -27.81
N ILE B 355 -5.44 6.81 -26.90
CA ILE B 355 -6.04 7.86 -26.09
C ILE B 355 -5.65 9.14 -26.82
N SER B 356 -6.60 9.82 -27.45
CA SER B 356 -6.28 11.04 -28.18
C SER B 356 -6.08 12.19 -27.23
N GLY B 357 -5.58 13.31 -27.76
CA GLY B 357 -5.36 14.50 -26.94
C GLY B 357 -6.66 14.92 -26.29
N THR B 358 -7.72 15.01 -27.08
CA THR B 358 -9.02 15.37 -26.56
C THR B 358 -9.31 14.49 -25.36
N GLU B 359 -9.23 13.19 -25.58
CA GLU B 359 -9.47 12.22 -24.52
C GLU B 359 -8.61 12.51 -23.28
N LEU B 360 -7.33 12.78 -23.49
CA LEU B 360 -6.43 13.07 -22.38
C LEU B 360 -6.85 14.37 -21.69
N ARG B 361 -7.06 15.43 -22.47
CA ARG B 361 -7.49 16.70 -21.92
C ARG B 361 -8.65 16.41 -20.96
N ARG B 362 -9.59 15.60 -21.44
CA ARG B 362 -10.77 15.22 -20.67
C ARG B 362 -10.45 14.53 -19.35
N ARG B 363 -9.62 13.50 -19.37
CA ARG B 363 -9.28 12.77 -18.15
C ARG B 363 -8.69 13.69 -17.11
N LEU B 364 -7.75 14.53 -17.55
CA LEU B 364 -7.08 15.49 -16.69
C LEU B 364 -8.07 16.43 -16.03
N ARG B 365 -9.15 16.75 -16.75
CA ARG B 365 -10.15 17.67 -16.25
C ARG B 365 -11.17 17.03 -15.33
N VAL B 366 -11.27 15.70 -15.37
CA VAL B 366 -12.21 14.99 -14.51
C VAL B 366 -11.47 14.25 -13.41
N GLY B 367 -10.14 14.25 -13.47
CA GLY B 367 -9.35 13.57 -12.46
C GLY B 367 -9.33 12.09 -12.77
N GLY B 368 -9.67 11.76 -14.01
CA GLY B 368 -9.69 10.37 -14.42
C GLY B 368 -8.29 9.78 -14.52
N GLU B 369 -8.21 8.46 -14.43
CA GLU B 369 -6.94 7.77 -14.51
C GLU B 369 -6.43 7.70 -15.95
N ILE B 370 -5.11 7.76 -16.09
CA ILE B 370 -4.45 7.67 -17.38
C ILE B 370 -3.65 6.39 -17.30
N PRO B 371 -3.93 5.42 -18.19
CA PRO B 371 -3.28 4.12 -18.26
C PRO B 371 -1.76 4.14 -18.08
N GLU B 372 -1.26 3.18 -17.29
CA GLU B 372 0.16 3.07 -17.04
C GLU B 372 0.88 2.96 -18.37
N TRP B 373 0.23 2.30 -19.34
CA TRP B 373 0.79 2.09 -20.68
C TRP B 373 0.79 3.33 -21.57
N PHE B 374 -0.05 4.31 -21.25
CA PHE B 374 -0.12 5.50 -22.09
C PHE B 374 1.07 6.42 -21.91
N SER B 375 1.30 6.87 -20.69
CA SER B 375 2.42 7.75 -20.44
C SER B 375 3.10 7.32 -19.16
N TYR B 376 4.26 7.91 -18.86
CA TYR B 376 4.97 7.60 -17.63
C TYR B 376 4.29 8.34 -16.49
N PRO B 377 4.16 7.68 -15.33
CA PRO B 377 3.52 8.31 -14.17
C PRO B 377 4.04 9.69 -13.76
N GLU B 378 5.35 9.90 -13.77
CA GLU B 378 5.89 11.22 -13.40
C GLU B 378 5.40 12.29 -14.37
N VAL B 379 5.29 11.92 -15.65
CA VAL B 379 4.82 12.86 -16.66
C VAL B 379 3.40 13.25 -16.32
N VAL B 380 2.55 12.25 -16.13
CA VAL B 380 1.14 12.51 -15.82
C VAL B 380 0.97 13.35 -14.55
N LYS B 381 1.84 13.13 -13.56
CA LYS B 381 1.77 13.88 -12.31
C LYS B 381 2.02 15.36 -12.59
N ILE B 382 3.05 15.63 -13.38
CA ILE B 382 3.39 16.99 -13.73
C ILE B 382 2.25 17.62 -14.51
N LEU B 383 1.62 16.85 -15.38
CA LEU B 383 0.54 17.39 -16.17
C LEU B 383 -0.64 17.74 -15.27
N ARG B 384 -1.00 16.81 -14.38
CA ARG B 384 -2.11 17.03 -13.46
C ARG B 384 -1.84 18.26 -12.62
N GLU B 385 -0.58 18.42 -12.23
CA GLU B 385 -0.16 19.54 -11.41
C GLU B 385 -0.54 20.89 -12.01
N SER B 386 -0.32 21.06 -13.30
CA SER B 386 -0.63 22.34 -13.94
C SER B 386 -1.92 22.34 -14.77
N ASN B 387 -2.62 21.21 -14.74
CA ASN B 387 -3.89 21.06 -15.46
C ASN B 387 -4.72 20.24 -14.49
N PRO B 388 -5.08 20.84 -13.35
CA PRO B 388 -5.87 20.23 -12.28
C PRO B 388 -7.28 19.82 -12.63
N PRO B 389 -7.78 18.77 -11.96
CA PRO B 389 -9.14 18.27 -12.21
C PRO B 389 -10.12 19.31 -11.66
N ARG B 390 -11.36 19.24 -12.15
CA ARG B 390 -12.38 20.20 -11.75
C ARG B 390 -12.46 20.51 -10.25
N PRO B 391 -12.46 19.48 -9.39
CA PRO B 391 -12.54 19.81 -7.97
C PRO B 391 -11.43 20.73 -7.47
N LYS B 392 -10.43 20.99 -8.31
CA LYS B 392 -9.31 21.87 -7.95
C LYS B 392 -9.34 23.16 -8.78
N GLN B 393 -10.17 23.17 -9.82
CA GLN B 393 -10.26 24.32 -10.69
C GLN B 393 -11.00 25.50 -10.07
N GLY B 394 -10.73 26.68 -10.63
CA GLY B 394 -11.37 27.90 -10.16
C GLY B 394 -12.54 28.18 -11.08
N PHE B 395 -13.40 29.09 -10.67
CA PHE B 395 -14.56 29.41 -11.50
C PHE B 395 -15.13 30.75 -11.04
N SER B 396 -16.13 31.21 -11.78
CA SER B 396 -16.77 32.47 -11.45
C SER B 396 -18.26 32.36 -11.78
N ILE B 397 -19.09 32.84 -10.87
CA ILE B 397 -20.54 32.84 -11.05
C ILE B 397 -20.92 34.31 -11.22
N VAL B 398 -21.61 34.63 -12.30
CA VAL B 398 -22.02 36.00 -12.56
C VAL B 398 -23.55 36.19 -12.43
N LEU B 399 -23.94 37.09 -11.53
CA LEU B 399 -25.35 37.38 -11.29
C LEU B 399 -25.85 38.20 -12.48
N GLY B 400 -26.54 37.51 -13.39
CA GLY B 400 -27.06 38.14 -14.59
C GLY B 400 -27.79 39.44 -14.35
N ASN B 401 -27.91 40.23 -15.43
CA ASN B 401 -28.59 41.51 -15.36
C ASN B 401 -30.10 41.39 -15.14
N SER B 402 -30.67 40.31 -15.66
CA SER B 402 -32.09 40.07 -15.53
C SER B 402 -32.45 39.88 -14.08
N LEU B 403 -31.52 39.37 -13.29
CA LEU B 403 -31.75 39.13 -11.87
C LEU B 403 -32.50 40.29 -11.20
N THR B 404 -33.50 39.93 -10.40
CA THR B 404 -34.33 40.90 -9.72
C THR B 404 -34.24 40.79 -8.19
N VAL B 405 -33.60 39.74 -7.68
CA VAL B 405 -33.46 39.54 -6.25
C VAL B 405 -32.33 40.41 -5.77
N SER B 406 -32.14 40.49 -4.46
CA SER B 406 -31.06 41.30 -3.95
C SER B 406 -29.75 40.66 -4.36
N ARG B 407 -28.94 41.44 -5.07
CA ARG B 407 -27.65 40.95 -5.52
C ARG B 407 -26.74 40.80 -4.31
N GLU B 408 -26.79 41.75 -3.38
CA GLU B 408 -25.95 41.65 -2.20
C GLU B 408 -26.24 40.37 -1.44
N GLN B 409 -27.51 40.17 -1.10
CA GLN B 409 -27.93 39.01 -0.36
C GLN B 409 -27.69 37.67 -1.07
N LEU B 410 -27.86 37.64 -2.39
CA LEU B 410 -27.64 36.41 -3.15
C LEU B 410 -26.15 36.09 -3.17
N SER B 411 -25.34 37.14 -3.23
CA SER B 411 -23.91 36.99 -3.24
C SER B 411 -23.45 36.37 -1.92
N ILE B 412 -23.89 36.95 -0.81
CA ILE B 412 -23.54 36.45 0.51
C ILE B 412 -24.01 35.00 0.71
N ALA B 413 -25.23 34.72 0.25
CA ALA B 413 -25.80 33.39 0.34
C ALA B 413 -24.91 32.38 -0.39
N LEU B 414 -24.49 32.75 -1.61
CA LEU B 414 -23.62 31.87 -2.38
C LEU B 414 -22.27 31.76 -1.69
N LEU B 415 -21.78 32.85 -1.13
CA LEU B 415 -20.51 32.80 -0.43
C LEU B 415 -20.58 31.84 0.75
N SER B 416 -21.47 32.14 1.70
CA SER B 416 -21.63 31.28 2.87
C SER B 416 -21.87 29.80 2.51
N THR B 417 -22.59 29.56 1.43
CA THR B 417 -22.89 28.19 1.03
C THR B 417 -21.64 27.49 0.58
N PHE B 418 -20.90 28.11 -0.34
CA PHE B 418 -19.67 27.50 -0.84
C PHE B 418 -18.72 27.24 0.32
N LEU B 419 -18.65 28.18 1.25
CA LEU B 419 -17.78 28.07 2.40
C LEU B 419 -17.96 26.80 3.21
N GLN B 420 -19.20 26.37 3.42
CA GLN B 420 -19.43 25.19 4.23
C GLN B 420 -18.95 23.90 3.60
N PHE B 421 -18.81 23.88 2.29
CA PHE B 421 -18.33 22.69 1.61
C PHE B 421 -16.90 22.37 2.00
N GLY B 422 -16.08 23.41 2.19
CA GLY B 422 -14.69 23.18 2.56
C GLY B 422 -13.94 22.53 1.42
N GLY B 423 -12.71 22.08 1.65
CA GLY B 423 -11.97 21.44 0.58
C GLY B 423 -10.80 22.23 0.01
N GLY B 424 -10.53 23.43 0.52
CA GLY B 424 -9.40 24.17 0.01
C GLY B 424 -9.54 25.30 -1.00
N ARG B 425 -10.71 25.50 -1.60
CA ARG B 425 -10.87 26.60 -2.55
C ARG B 425 -11.09 27.93 -1.83
N TYR B 426 -10.63 29.02 -2.42
CA TYR B 426 -10.78 30.35 -1.83
C TYR B 426 -11.95 31.03 -2.56
N TYR B 427 -12.83 31.68 -1.80
CA TYR B 427 -13.99 32.32 -2.41
C TYR B 427 -14.02 33.81 -2.16
N LYS B 428 -14.60 34.57 -3.09
CA LYS B 428 -14.68 36.01 -2.93
C LYS B 428 -15.79 36.67 -3.75
N ILE B 429 -16.44 37.67 -3.16
CA ILE B 429 -17.45 38.41 -3.89
C ILE B 429 -16.55 39.44 -4.58
N PHE B 430 -16.51 39.41 -5.91
CA PHE B 430 -15.65 40.30 -6.67
C PHE B 430 -16.42 41.35 -7.45
N GLU B 431 -16.37 42.58 -6.98
CA GLU B 431 -17.04 43.69 -7.66
C GLU B 431 -16.05 44.32 -8.62
N HIS B 432 -16.36 44.34 -9.90
CA HIS B 432 -15.45 44.90 -10.88
C HIS B 432 -15.77 46.37 -11.21
N ASN B 433 -17.02 46.78 -11.00
CA ASN B 433 -17.46 48.13 -11.29
C ASN B 433 -17.01 48.54 -12.68
N ASN B 434 -17.04 47.59 -13.59
CA ASN B 434 -16.65 47.85 -14.96
C ASN B 434 -15.24 48.37 -15.17
N LYS B 435 -14.42 48.39 -14.12
CA LYS B 435 -13.03 48.84 -14.25
C LYS B 435 -12.23 47.68 -14.82
N THR B 436 -11.67 47.89 -16.01
CA THR B 436 -10.89 46.84 -16.66
C THR B 436 -9.70 46.39 -15.83
N GLU B 437 -9.16 47.28 -15.01
CA GLU B 437 -8.04 46.88 -14.17
C GLU B 437 -8.49 45.77 -13.24
N LEU B 438 -9.79 45.65 -13.04
CA LEU B 438 -10.31 44.61 -12.17
C LEU B 438 -10.78 43.43 -13.02
N LEU B 439 -11.51 43.72 -14.10
CA LEU B 439 -12.02 42.69 -14.99
C LEU B 439 -10.89 41.78 -15.44
N SER B 440 -9.71 42.37 -15.62
CA SER B 440 -8.54 41.64 -16.07
C SER B 440 -7.94 40.72 -15.01
N LEU B 441 -8.49 40.75 -13.80
CA LEU B 441 -8.00 39.91 -12.74
C LEU B 441 -8.87 38.68 -12.55
N ILE B 442 -10.09 38.73 -13.08
CA ILE B 442 -11.01 37.61 -12.96
C ILE B 442 -10.36 36.26 -13.30
N GLN B 443 -9.62 36.21 -14.40
CA GLN B 443 -8.97 34.96 -14.80
C GLN B 443 -7.75 34.61 -13.98
N ASP B 444 -7.14 35.61 -13.35
CA ASP B 444 -5.97 35.37 -12.50
C ASP B 444 -6.43 34.56 -11.31
N PHE B 445 -7.60 34.93 -10.78
CA PHE B 445 -8.21 34.25 -9.64
C PHE B 445 -8.67 32.85 -10.02
N ILE B 446 -9.32 32.74 -11.18
CA ILE B 446 -9.81 31.45 -11.67
C ILE B 446 -8.58 30.58 -11.83
N GLY B 447 -7.53 31.19 -12.38
CA GLY B 447 -6.28 30.48 -12.59
C GLY B 447 -5.62 30.05 -11.28
N SER B 448 -5.90 30.78 -10.21
CA SER B 448 -5.34 30.47 -8.90
C SER B 448 -6.19 29.44 -8.15
N GLY B 449 -7.27 29.01 -8.80
CA GLY B 449 -8.17 28.00 -8.24
C GLY B 449 -9.35 28.52 -7.43
N SER B 450 -9.49 29.84 -7.39
CA SER B 450 -10.53 30.49 -6.63
C SER B 450 -11.93 30.54 -7.24
N GLY B 451 -12.93 30.63 -6.37
CA GLY B 451 -14.31 30.73 -6.80
C GLY B 451 -14.76 32.16 -6.56
N LEU B 452 -15.13 32.86 -7.62
CA LEU B 452 -15.54 34.24 -7.50
C LEU B 452 -17.04 34.44 -7.71
N ILE B 453 -17.64 35.23 -6.83
CA ILE B 453 -19.06 35.52 -6.94
C ILE B 453 -19.15 36.98 -7.40
N ILE B 454 -19.58 37.15 -8.65
CA ILE B 454 -19.68 38.46 -9.24
C ILE B 454 -21.12 39.00 -9.28
N PRO B 455 -21.41 39.99 -8.42
CA PRO B 455 -22.69 40.67 -8.23
C PRO B 455 -23.41 41.17 -9.47
N ASN B 456 -22.67 41.42 -10.54
CA ASN B 456 -23.32 41.86 -11.76
C ASN B 456 -22.41 41.82 -12.98
N GLN B 457 -23.04 41.88 -14.15
CA GLN B 457 -22.34 41.84 -15.41
C GLN B 457 -21.49 43.06 -15.68
N TRP B 458 -20.72 42.98 -16.76
CA TRP B 458 -19.86 44.09 -17.18
C TRP B 458 -20.27 44.51 -18.58
N GLU B 459 -20.04 45.79 -18.89
CA GLU B 459 -20.35 46.40 -20.17
C GLU B 459 -19.86 45.51 -21.30
N ASP B 460 -20.61 45.43 -22.39
CA ASP B 460 -20.18 44.58 -23.50
C ASP B 460 -18.85 45.05 -24.07
N ASP B 461 -18.63 46.37 -24.06
CA ASP B 461 -17.39 46.92 -24.58
C ASP B 461 -16.15 46.41 -23.82
N LYS B 462 -16.35 45.99 -22.58
CA LYS B 462 -15.25 45.48 -21.76
C LYS B 462 -15.13 43.95 -21.80
N ASP B 463 -16.12 43.28 -22.38
CA ASP B 463 -16.12 41.82 -22.44
C ASP B 463 -14.82 41.16 -22.89
N SER B 464 -14.16 41.76 -23.87
CA SER B 464 -12.91 41.24 -24.38
C SER B 464 -11.88 41.07 -23.26
N VAL B 465 -11.85 42.04 -22.34
CA VAL B 465 -10.92 42.04 -21.21
C VAL B 465 -10.94 40.79 -20.32
N VAL B 466 -12.07 40.09 -20.31
CA VAL B 466 -12.23 38.92 -19.45
C VAL B 466 -12.06 37.56 -20.14
N GLY B 467 -11.31 36.66 -19.52
CA GLY B 467 -11.16 35.33 -20.09
C GLY B 467 -12.38 34.48 -19.75
N LYS B 468 -13.16 34.15 -20.78
CA LYS B 468 -14.37 33.36 -20.62
C LYS B 468 -14.29 32.00 -19.90
N GLN B 469 -13.11 31.40 -19.80
CA GLN B 469 -12.99 30.09 -19.14
C GLN B 469 -13.47 30.00 -17.69
N ASN B 470 -14.34 29.02 -17.43
CA ASN B 470 -14.90 28.76 -16.12
C ASN B 470 -15.68 29.94 -15.56
N VAL B 471 -16.23 30.74 -16.46
CA VAL B 471 -17.03 31.90 -16.11
C VAL B 471 -18.48 31.61 -16.48
N TYR B 472 -19.32 31.35 -15.48
CA TYR B 472 -20.71 31.02 -15.75
C TYR B 472 -21.71 32.13 -15.44
N LEU B 473 -22.70 32.27 -16.32
CA LEU B 473 -23.75 33.29 -16.21
C LEU B 473 -25.07 32.74 -15.65
N LEU B 474 -25.50 33.32 -14.53
CA LEU B 474 -26.74 32.97 -13.85
C LEU B 474 -27.78 34.00 -14.30
N ASP B 475 -28.77 33.56 -15.08
CA ASP B 475 -29.75 34.48 -15.58
C ASP B 475 -30.99 33.76 -16.11
N THR B 476 -32.06 34.51 -16.37
CA THR B 476 -33.30 33.94 -16.89
C THR B 476 -33.15 33.78 -18.39
N SER B 477 -32.15 34.45 -18.92
CA SER B 477 -31.85 34.39 -20.33
C SER B 477 -31.65 32.95 -20.82
N SER B 478 -32.10 32.68 -22.03
CA SER B 478 -31.96 31.35 -22.60
C SER B 478 -30.48 31.00 -22.75
N SER B 479 -29.68 32.04 -23.00
CA SER B 479 -28.25 31.87 -23.18
C SER B 479 -27.45 32.02 -21.87
N ALA B 480 -28.03 31.58 -20.75
CA ALA B 480 -27.35 31.65 -19.46
C ALA B 480 -26.84 30.25 -19.18
N ASP B 481 -25.70 30.15 -18.51
CA ASP B 481 -25.14 28.84 -18.20
C ASP B 481 -25.99 28.17 -17.14
N ILE B 482 -26.41 28.94 -16.14
CA ILE B 482 -27.29 28.42 -15.11
C ILE B 482 -28.53 29.28 -15.31
N GLN B 483 -29.56 28.68 -15.92
CA GLN B 483 -30.77 29.43 -16.18
C GLN B 483 -31.76 29.49 -15.02
N LEU B 484 -32.20 30.70 -14.67
CA LEU B 484 -33.16 30.88 -13.60
C LEU B 484 -34.56 30.75 -14.16
N GLU B 485 -35.47 30.31 -13.29
CA GLU B 485 -36.86 30.14 -13.65
C GLU B 485 -37.48 31.51 -13.88
N SER B 486 -37.20 32.43 -12.96
CA SER B 486 -37.70 33.79 -13.08
C SER B 486 -36.73 34.72 -12.35
N ALA B 487 -36.70 35.97 -12.78
CA ALA B 487 -35.82 36.95 -12.17
C ALA B 487 -36.05 37.10 -10.67
N ASP B 488 -37.27 36.82 -10.21
CA ASP B 488 -37.61 36.97 -8.79
C ASP B 488 -37.46 35.68 -7.98
N GLU B 489 -36.92 34.63 -8.60
CA GLU B 489 -36.77 33.34 -7.92
C GLU B 489 -36.15 33.50 -6.52
N PRO B 490 -36.74 32.86 -5.49
CA PRO B 490 -36.19 32.99 -4.14
C PRO B 490 -34.73 32.55 -4.03
N ILE B 491 -33.95 33.30 -3.25
CA ILE B 491 -32.53 33.02 -3.09
C ILE B 491 -32.14 31.56 -2.83
N SER B 492 -32.72 30.94 -1.81
CA SER B 492 -32.41 29.54 -1.51
C SER B 492 -32.57 28.66 -2.75
N HIS B 493 -33.59 28.94 -3.54
CA HIS B 493 -33.83 28.16 -4.77
C HIS B 493 -32.68 28.36 -5.73
N ILE B 494 -32.27 29.61 -5.90
CA ILE B 494 -31.17 29.92 -6.80
C ILE B 494 -29.90 29.23 -6.30
N VAL B 495 -29.64 29.35 -5.00
CA VAL B 495 -28.44 28.76 -4.42
C VAL B 495 -28.35 27.26 -4.72
N GLN B 496 -29.47 26.55 -4.60
CA GLN B 496 -29.45 25.11 -4.87
C GLN B 496 -29.13 24.86 -6.34
N LYS B 497 -29.78 25.63 -7.21
CA LYS B 497 -29.54 25.49 -8.65
C LYS B 497 -28.05 25.68 -8.94
N VAL B 498 -27.45 26.71 -8.37
CA VAL B 498 -26.03 26.96 -8.60
C VAL B 498 -25.14 25.86 -8.03
N VAL B 499 -25.42 25.45 -6.78
CA VAL B 499 -24.64 24.39 -6.16
C VAL B 499 -24.66 23.13 -7.01
N LEU B 500 -25.85 22.66 -7.36
CA LEU B 500 -25.98 21.45 -8.14
C LEU B 500 -25.33 21.57 -9.52
N PHE B 501 -25.36 22.76 -10.10
CA PHE B 501 -24.74 23.00 -11.39
C PHE B 501 -23.22 22.79 -11.26
N LEU B 502 -22.63 23.42 -10.25
CA LEU B 502 -21.21 23.34 -9.99
C LEU B 502 -20.78 21.92 -9.61
N GLU B 503 -21.68 21.21 -8.93
CA GLU B 503 -21.37 19.85 -8.52
C GLU B 503 -21.47 18.95 -9.73
N ASP B 504 -22.40 19.25 -10.63
CA ASP B 504 -22.60 18.47 -11.85
C ASP B 504 -21.41 18.67 -12.76
N ASN B 505 -20.70 19.79 -12.59
CA ASN B 505 -19.54 20.09 -13.42
C ASN B 505 -18.22 19.81 -12.76
N GLY B 506 -18.22 18.95 -11.75
CA GLY B 506 -17.00 18.56 -11.08
C GLY B 506 -16.32 19.54 -10.14
N PHE B 507 -16.85 20.76 -10.01
CA PHE B 507 -16.24 21.73 -9.12
C PHE B 507 -16.38 21.35 -7.67
N PHE B 508 -17.50 20.70 -7.35
CA PHE B 508 -17.78 20.24 -5.99
C PHE B 508 -17.91 18.73 -6.03
N VAL B 509 -17.32 18.07 -5.04
CA VAL B 509 -17.38 16.62 -4.94
C VAL B 509 -17.62 16.29 -3.49
N PHE B 510 -18.74 15.63 -3.22
CA PHE B 510 -19.09 15.28 -1.85
C PHE B 510 -18.96 13.79 -1.55
CD CD C . -7.66 -31.47 19.51
CD CD D . -6.32 -35.63 26.87
CD CD E . -4.79 -62.55 17.78
CD CD F . 6.96 -38.88 7.63
CD CD G . 26.46 -38.49 12.71
CA CA H . -11.72 -36.20 47.16
NA NA I . -22.10 -43.18 25.15
CA CA J . 11.19 -14.72 39.21
CA CA K . -36.84 5.43 43.45
MG MG L . -4.09 -40.76 20.24
NA NA M . 15.30 -22.87 43.94
NA NA N . 24.05 -44.38 26.17
CD CD O . 16.98 -42.59 47.44
NA NA P . 2.94 -31.44 55.56
NA NA Q . 28.16 -33.71 23.64
NA NA R . -11.22 3.35 31.78
MG MG S . 7.62 -20.92 29.84
PB ADP T . 7.42 -25.01 29.07
O1B ADP T . 8.77 -25.31 29.61
O2B ADP T . 6.27 -24.96 30.20
O3B ADP T . 7.03 -25.97 28.01
PA ADP T . 7.38 -22.90 27.13
O1A ADP T . 6.37 -23.63 26.37
O2A ADP T . 7.03 -21.48 27.33
O3A ADP T . 7.48 -23.57 28.54
O5' ADP T . 8.85 -23.06 26.50
C5' ADP T . 9.40 -24.36 26.20
C4' ADP T . 10.94 -24.38 26.44
O4' ADP T . 11.55 -23.16 25.99
C3' ADP T . 11.33 -24.51 27.90
O3' ADP T . 12.47 -25.36 28.08
C2' ADP T . 11.68 -23.09 28.34
O2' ADP T . 12.53 -23.02 29.51
C1' ADP T . 12.30 -22.56 27.08
N9 ADP T . 12.28 -21.07 26.93
C8 ADP T . 11.21 -20.33 26.63
N7 ADP T . 11.56 -19.05 26.56
C5 ADP T . 12.84 -18.95 26.81
C6 ADP T . 13.78 -17.92 26.88
N6 ADP T . 13.41 -16.66 26.65
N1 ADP T . 15.09 -18.19 27.19
C2 ADP T . 15.51 -19.46 27.43
N3 ADP T . 14.62 -20.46 27.36
C4 ADP T . 13.31 -20.27 27.06
C TRS U . -4.81 -27.52 25.55
C1 TRS U . -4.23 -26.28 25.84
C2 TRS U . -5.29 -28.05 26.78
C3 TRS U . -4.22 -28.78 25.51
N TRS U . -5.97 -27.33 24.51
O1 TRS U . -2.93 -26.09 25.83
O2 TRS U . -5.09 -27.90 28.24
O3 TRS U . -3.52 -29.22 24.55
C ACY V . -4.86 -60.12 16.22
O ACY V . -4.96 -60.24 17.49
OXT ACY V . -4.58 -61.03 15.44
CH3 ACY V . -5.14 -58.71 15.66
C ACY W . 25.97 -38.99 10.39
O ACY W . 25.19 -38.21 11.01
OXT ACY W . 26.96 -39.57 10.87
CH3 ACY W . 25.65 -39.22 8.90
C ACY X . -28.75 9.12 38.04
O ACY X . -28.23 8.19 37.30
OXT ACY X . -28.18 10.17 38.45
CH3 ACY X . -30.25 8.90 38.47
C ACY Y . 6.02 -43.30 10.27
O ACY Y . 4.97 -43.30 9.55
OXT ACY Y . 6.40 -42.41 11.03
CH3 ACY Y . 6.91 -44.58 10.17
C ACY Z . 7.44 -36.87 5.54
O ACY Z . 8.25 -37.65 6.15
OXT ACY Z . 6.18 -36.92 5.58
CH3 ACY Z . 8.10 -35.80 4.65
C ACY AA . 28.32 -39.20 14.16
O ACY AA . 27.17 -38.81 14.57
OXT ACY AA . 28.56 -39.80 13.08
CH3 ACY AA . 29.51 -38.88 15.10
C ACY BA . -10.33 -31.82 20.34
O ACY BA . -9.59 -31.04 21.05
OXT ACY BA . -9.96 -32.57 19.43
CH3 ACY BA . -11.82 -31.81 20.69
C ACY CA . 18.16 -44.21 45.75
O ACY CA . 18.71 -43.07 45.99
OXT ACY CA . 16.99 -44.55 46.06
CH3 ACY CA . 19.05 -45.24 45.03
CD CD DA . 8.83 31.03 -19.95
CD CD EA . 8.29 34.83 -27.54
CD CD FA . 33.07 48.27 -31.16
CD CD GA . 27.06 21.61 -22.84
CD CD HA . 29.94 8.42 -37.25
CA CA IA . -6.14 44.60 -40.26
NA NA JA . 8.63 49.98 -19.50
CA CA KA . -8.82 12.58 -40.77
CA CA LA . -42.73 36.60 -9.25
MG MG MA . 15.51 34.80 -25.50
NA NA NA . -3.90 16.25 -48.80
NA NA OA . 20.38 7.47 -44.88
NA NA PA . 22.56 19.35 -51.33
NA NA QA . 25.79 18.88 -46.85
NA NA RA . -25.25 16.78 -16.51
MG MG SA . 0.23 16.94 -33.48
PB ADP TA . 3.71 18.97 -33.62
O1B ADP TA . 2.66 20.02 -33.78
O2B ADP TA . 4.97 19.48 -32.72
O3B ADP TA . 4.18 18.52 -34.94
PA ADP TA . 3.40 16.98 -31.51
O1A ADP TA . 4.03 17.88 -30.53
O2A ADP TA . 2.13 16.44 -31.01
O3A ADP TA . 3.09 17.79 -32.84
O5' ADP TA . 4.40 15.82 -31.99
C5' ADP TA . 5.71 16.11 -32.50
C4' ADP TA . 6.11 15.07 -33.56
O4' ADP TA . 5.71 13.74 -33.15
C3' ADP TA . 5.43 15.29 -34.91
O3' ADP TA . 6.30 14.95 -36.00
C2' ADP TA . 4.24 14.36 -34.89
O2' ADP TA . 3.63 14.09 -36.18
C1' ADP TA . 4.85 13.17 -34.19
N9 ADP TA . 3.86 12.24 -33.53
C8 ADP TA . 3.26 12.43 -32.34
N7 ADP TA . 2.46 11.40 -32.07
C5 ADP TA . 2.54 10.54 -33.06
C6 ADP TA . 1.97 9.29 -33.34
N6 ADP TA . 1.12 8.72 -32.48
N1 ADP TA . 2.29 8.65 -34.52
C2 ADP TA . 3.15 9.19 -35.42
N3 ADP TA . 3.70 10.38 -35.15
C4 ADP TA . 3.44 11.08 -34.01
C TRS UA . 3.40 28.58 -25.39
C1 TRS UA . 4.66 28.38 -25.33
C2 TRS UA . 2.68 27.26 -25.05
C3 TRS UA . 2.63 29.57 -26.42
N TRS UA . 3.48 29.33 -24.37
O1 TRS UA . 5.42 27.82 -26.39
O2 TRS UA . 2.36 26.23 -26.04
O3 TRS UA . 1.32 29.49 -26.80
C ACY VA . 32.71 46.24 -29.08
O ACY VA . 31.75 46.90 -29.64
OXT ACY VA . 33.91 46.20 -29.45
CH3 ACY VA . 32.32 45.43 -27.82
C ACY WA . 31.36 8.37 -35.24
O ACY WA . 30.18 8.76 -34.97
OXT ACY WA . 31.79 8.10 -36.37
CH3 ACY WA . 32.33 8.24 -34.03
C ACY XA . -38.89 27.38 -8.37
O ACY XA . -37.60 27.32 -8.32
OXT ACY XA . -39.68 26.41 -8.38
CH3 ACY XA . -39.50 28.81 -8.41
C ACY YA . 27.36 25.38 -24.75
O ACY YA . 27.53 26.09 -23.69
OXT ACY YA . 26.35 24.71 -25.01
CH3 ACY YA . 28.53 25.37 -25.78
C ACY ZA . 26.58 19.13 -20.38
O ACY ZA . 26.76 19.30 -21.63
OXT ACY ZA . 26.10 19.95 -19.59
CH3 ACY ZA . 27.06 17.77 -19.83
C ACY AB . 29.89 8.21 -39.68
O ACY AB . 28.96 8.81 -39.04
OXT ACY AB . 31.02 7.91 -39.22
CH3 ACY AB . 29.58 7.87 -41.16
C ACY BB . 7.64 33.21 -18.97
O ACY BB . 6.79 32.52 -19.63
OXT ACY BB . 8.85 32.91 -18.77
CH3 ACY BB . 7.10 34.54 -18.38
#